data_4JNT
#
_entry.id   4JNT
#
_cell.length_a   155.632
_cell.length_b   67.885
_cell.length_c   139.406
_cell.angle_alpha   90.00
_cell.angle_beta   121.89
_cell.angle_gamma   90.00
#
_symmetry.space_group_name_H-M   'C 1 2 1'
#
loop_
_entity.id
_entity.type
_entity.pdbx_description
1 polymer 'Envelope glycoprotein E2'
2 branched 2-acetamido-2-deoxy-beta-D-glucopyranose-(1-4)-2-acetamido-2-deoxy-beta-D-glucopyranose
#
_entity_poly.entity_id   1
_entity_poly.type   'polypeptide(L)'
_entity_poly.pdbx_seq_one_letter_code
;HLDCKPEFSYAIAKDERIGQLGAEGLTTTWKEYSPGMKLEDTMVIAWCEDGKLMYLQRCTRETRYLAILHTRALPTSVVF
KKLFDGRKQEDVVEMDDNFEFGLCPCDAKPIVRGKFNTTLLNGPAFQMVCPIGWTGTVSCTSFNMDTLATTVVRTYRRSK
PFPHRQGCITQKNLGEDLHNCILGGNWTCVPGDQLLYKGGSIESCKWCGYQFKESEGLPHYPIGKCKLENETGYRLVDST
SCNREGVAIVPQGTLKCKIGKTTVQVIAMDTKLGPMPCRPYEIISSEGPVEKTACTFNYTKTLKNKYFEPRDSYFQQYML
KGEYQYWFDLEVTDHHRD
;
_entity_poly.pdbx_strand_id   A,B
#
loop_
_chem_comp.id
_chem_comp.type
_chem_comp.name
_chem_comp.formula
NAG D-saccharide, beta linking 2-acetamido-2-deoxy-beta-D-glucopyranose 'C8 H15 N O6'
#
# COMPACT_ATOMS: atom_id res chain seq x y z
N LEU A 2 53.54 54.24 -66.81
CA LEU A 2 53.66 54.31 -68.30
C LEU A 2 53.74 52.88 -68.90
N ASP A 3 54.26 52.75 -70.12
CA ASP A 3 54.47 51.44 -70.76
C ASP A 3 55.76 51.43 -71.60
N CYS A 4 55.98 50.37 -72.39
CA CYS A 4 57.13 50.31 -73.32
C CYS A 4 56.67 50.33 -74.77
N LYS A 5 57.55 50.85 -75.65
CA LYS A 5 57.20 51.13 -77.05
C LYS A 5 58.22 50.46 -78.00
N PRO A 6 57.77 50.06 -79.22
CA PRO A 6 58.55 49.23 -80.14
C PRO A 6 60.00 49.65 -80.48
N GLU A 7 60.32 50.95 -80.47
CA GLU A 7 61.58 51.42 -81.05
C GLU A 7 62.55 52.10 -80.10
N PHE A 8 62.38 51.89 -78.81
CA PHE A 8 63.23 52.54 -77.83
C PHE A 8 64.17 51.54 -77.18
N SER A 9 65.27 52.03 -76.64
CA SER A 9 66.11 51.21 -75.77
C SER A 9 65.72 51.51 -74.33
N TYR A 10 65.80 50.48 -73.50
CA TYR A 10 65.56 50.62 -72.10
C TYR A 10 66.69 50.02 -71.27
N ALA A 11 66.89 50.64 -70.12
CA ALA A 11 67.79 50.14 -69.08
C ALA A 11 67.30 50.73 -67.76
N ILE A 12 67.86 50.24 -66.66
CA ILE A 12 67.45 50.70 -65.33
C ILE A 12 68.54 51.60 -64.84
N ALA A 13 68.24 52.37 -63.80
CA ALA A 13 69.27 53.17 -63.17
C ALA A 13 68.93 53.46 -61.75
N LYS A 14 69.98 53.62 -60.96
CA LYS A 14 69.86 53.99 -59.58
C LYS A 14 69.79 55.53 -59.29
N ASP A 15 70.51 56.33 -60.06
CA ASP A 15 70.36 57.79 -60.00
C ASP A 15 70.38 58.41 -61.40
N GLU A 16 69.69 59.53 -61.54
CA GLU A 16 69.53 60.16 -62.84
C GLU A 16 70.83 60.74 -63.35
N ARG A 17 71.82 60.96 -62.48
CA ARG A 17 73.08 61.58 -62.88
C ARG A 17 73.44 61.24 -64.35
N ILE A 18 73.25 62.22 -65.24
CA ILE A 18 73.67 62.13 -66.65
C ILE A 18 75.10 62.70 -66.72
N GLY A 19 76.09 61.82 -66.76
CA GLY A 19 77.48 62.24 -66.93
C GLY A 19 77.71 62.63 -68.38
N GLN A 20 78.88 63.17 -68.66
CA GLN A 20 79.21 63.62 -70.01
C GLN A 20 78.79 62.60 -71.07
N LEU A 21 79.17 61.35 -70.86
CA LEU A 21 79.15 60.33 -71.88
C LEU A 21 77.75 59.73 -72.11
N GLY A 22 76.84 59.91 -71.16
CA GLY A 22 75.50 59.35 -71.25
C GLY A 22 74.82 59.33 -69.89
N ALA A 23 73.95 58.36 -69.65
CA ALA A 23 73.42 58.13 -68.29
C ALA A 23 74.57 57.66 -67.43
N GLU A 24 74.70 58.17 -66.21
CA GLU A 24 75.86 57.84 -65.38
C GLU A 24 75.58 56.67 -64.47
N GLY A 25 74.40 56.70 -63.84
CA GLY A 25 74.08 55.78 -62.74
C GLY A 25 73.38 54.50 -63.14
N LEU A 26 73.61 54.02 -64.36
CA LEU A 26 73.03 52.75 -64.81
C LEU A 26 73.44 51.62 -63.89
N THR A 27 72.51 50.69 -63.71
CA THR A 27 72.77 49.43 -63.08
C THR A 27 72.85 48.31 -64.12
N THR A 28 72.20 48.52 -65.28
CA THR A 28 72.10 47.55 -66.34
C THR A 28 72.61 48.01 -67.73
N THR A 29 72.75 47.03 -68.60
CA THR A 29 73.01 47.26 -70.00
C THR A 29 71.69 47.51 -70.74
N TRP A 30 71.80 48.23 -71.85
CA TRP A 30 70.63 48.64 -72.62
C TRP A 30 69.91 47.48 -73.25
N LYS A 31 68.62 47.64 -73.47
CA LYS A 31 67.82 46.57 -74.04
C LYS A 31 66.77 47.03 -75.06
N GLU A 32 66.90 46.58 -76.30
CA GLU A 32 65.91 46.90 -77.36
C GLU A 32 64.60 46.13 -77.19
N TYR A 33 63.49 46.79 -77.56
CA TYR A 33 62.13 46.30 -77.36
C TYR A 33 61.87 44.82 -77.70
N SER A 34 61.01 44.19 -76.91
CA SER A 34 60.37 42.92 -77.24
C SER A 34 58.91 42.97 -76.75
N PRO A 35 58.00 42.22 -77.38
CA PRO A 35 56.63 42.22 -76.84
C PRO A 35 56.65 41.92 -75.35
N GLY A 36 57.42 40.90 -74.99
CA GLY A 36 57.61 40.50 -73.59
C GLY A 36 59.06 40.60 -73.13
N MET A 37 59.69 41.73 -73.38
CA MET A 37 61.02 41.99 -72.84
C MET A 37 60.96 42.05 -71.32
N LYS A 38 62.06 41.64 -70.69
CA LYS A 38 62.21 41.81 -69.23
C LYS A 38 63.66 42.16 -68.86
N LEU A 39 63.76 42.98 -67.79
CA LEU A 39 64.96 43.71 -67.40
C LEU A 39 65.23 43.43 -65.94
N GLU A 40 66.51 43.38 -65.56
CA GLU A 40 66.92 42.64 -64.36
C GLU A 40 68.00 43.33 -63.52
N ASP A 41 67.74 43.58 -62.23
CA ASP A 41 68.83 43.87 -61.29
C ASP A 41 68.56 43.41 -59.84
N THR A 42 69.48 43.77 -58.95
CA THR A 42 69.47 43.25 -57.58
C THR A 42 68.50 43.96 -56.64
N MET A 43 67.92 45.07 -57.10
CA MET A 43 66.85 45.77 -56.36
C MET A 43 65.53 45.73 -57.06
N VAL A 44 65.48 45.22 -58.28
CA VAL A 44 64.22 45.14 -59.02
C VAL A 44 64.28 44.13 -60.16
N ILE A 45 63.11 43.64 -60.52
CA ILE A 45 62.85 43.00 -61.78
C ILE A 45 61.68 43.80 -62.40
N ALA A 46 61.63 43.86 -63.73
CA ALA A 46 60.56 44.59 -64.42
C ALA A 46 60.19 43.93 -65.74
N TRP A 47 59.00 44.25 -66.26
CA TRP A 47 58.46 43.50 -67.39
C TRP A 47 57.37 44.23 -68.16
N CYS A 48 57.20 43.85 -69.43
CA CYS A 48 56.27 44.53 -70.34
C CYS A 48 55.19 43.54 -70.89
N GLU A 49 53.91 43.90 -70.74
CA GLU A 49 52.74 43.02 -71.07
C GLU A 49 51.41 43.76 -71.47
N ASP A 50 51.13 43.93 -72.76
CA ASP A 50 52.03 43.52 -73.86
C ASP A 50 53.37 44.28 -73.85
N GLY A 51 53.37 45.62 -73.78
CA GLY A 51 52.19 46.47 -73.78
C GLY A 51 51.91 47.23 -72.49
N LYS A 52 52.72 47.06 -71.44
CA LYS A 52 52.51 47.77 -70.16
C LYS A 52 53.74 47.62 -69.25
N LEU A 53 54.11 48.68 -68.52
CA LEU A 53 55.32 48.63 -67.66
C LEU A 53 54.96 48.18 -66.26
N MET A 54 55.70 47.18 -65.75
CA MET A 54 55.47 46.64 -64.43
C MET A 54 56.78 46.26 -63.77
N TYR A 55 56.74 45.98 -62.48
CA TYR A 55 57.95 45.75 -61.69
C TYR A 55 57.59 45.05 -60.37
N LEU A 56 58.60 44.48 -59.71
CA LEU A 56 58.41 43.86 -58.39
C LEU A 56 59.65 44.09 -57.54
N GLN A 57 59.65 45.14 -56.71
CA GLN A 57 60.86 45.57 -55.98
C GLN A 57 61.41 44.42 -55.17
N ARG A 58 62.65 44.02 -55.39
CA ARG A 58 63.18 42.78 -54.82
C ARG A 58 64.15 43.13 -53.68
N CYS A 59 63.68 44.06 -52.88
CA CYS A 59 64.38 44.58 -51.74
C CYS A 59 64.07 46.01 -51.92
N THR A 60 64.24 46.78 -50.85
CA THR A 60 63.85 48.16 -50.82
C THR A 60 64.66 48.83 -49.73
N ARG A 61 65.88 49.12 -50.14
CA ARG A 61 66.77 50.03 -49.45
C ARG A 61 67.22 51.17 -50.37
N GLU A 62 67.52 50.84 -51.62
CA GLU A 62 67.88 51.82 -52.63
C GLU A 62 66.78 52.14 -53.61
N THR A 63 66.86 53.36 -54.15
CA THR A 63 65.82 53.96 -54.99
C THR A 63 66.13 53.66 -56.46
N ARG A 64 65.15 53.27 -57.28
CA ARG A 64 65.42 52.93 -58.72
C ARG A 64 64.48 53.58 -59.76
N TYR A 65 65.11 54.19 -60.80
CA TYR A 65 64.47 54.91 -61.92
C TYR A 65 64.74 54.15 -63.17
N LEU A 66 63.77 54.09 -64.07
CA LEU A 66 64.02 53.44 -65.37
C LEU A 66 64.63 54.45 -66.35
N ALA A 67 65.75 54.12 -67.01
CA ALA A 67 66.30 55.01 -68.07
C ALA A 67 65.68 54.62 -69.40
N ILE A 68 65.45 55.63 -70.24
CA ILE A 68 64.97 55.42 -71.61
C ILE A 68 65.66 56.35 -72.59
N LEU A 69 65.96 55.77 -73.74
CA LEU A 69 66.74 56.42 -74.75
C LEU A 69 66.32 55.85 -76.08
N HIS A 70 65.80 56.71 -76.96
CA HIS A 70 65.40 56.28 -78.29
C HIS A 70 66.61 55.69 -78.99
N THR A 71 66.40 54.55 -79.67
CA THR A 71 67.51 53.74 -80.20
C THR A 71 68.55 54.57 -80.99
N ARG A 72 68.04 55.45 -81.84
CA ARG A 72 68.87 56.38 -82.62
C ARG A 72 69.43 57.48 -81.72
N ALA A 73 68.54 58.15 -80.97
CA ALA A 73 68.81 59.39 -80.20
C ALA A 73 70.07 59.41 -79.32
N LEU A 74 70.31 60.58 -78.73
CA LEU A 74 71.58 60.91 -78.07
C LEU A 74 71.66 60.33 -76.66
N PRO A 75 72.82 59.75 -76.30
CA PRO A 75 73.10 59.31 -74.92
C PRO A 75 72.70 60.27 -73.80
N THR A 76 73.12 61.53 -73.89
CA THR A 76 72.79 62.49 -72.82
C THR A 76 71.29 62.90 -72.80
N SER A 77 70.48 62.34 -73.71
CA SER A 77 69.04 62.68 -73.79
C SER A 77 68.14 61.80 -72.94
N VAL A 78 68.75 60.92 -72.13
CA VAL A 78 68.03 59.84 -71.44
C VAL A 78 66.99 60.40 -70.49
N VAL A 79 65.88 59.69 -70.37
CA VAL A 79 64.79 60.14 -69.52
C VAL A 79 64.57 59.11 -68.41
N PHE A 80 64.31 59.58 -67.19
CA PHE A 80 64.08 58.68 -66.06
C PHE A 80 62.71 58.90 -65.45
N LYS A 81 61.92 57.84 -65.34
CA LYS A 81 60.74 57.86 -64.47
C LYS A 81 61.07 56.95 -63.28
N LYS A 82 60.75 57.41 -62.06
CA LYS A 82 61.14 56.69 -60.83
C LYS A 82 60.17 55.55 -60.53
N LEU A 83 60.72 54.33 -60.31
CA LEU A 83 59.93 53.09 -60.21
C LEU A 83 59.64 52.67 -58.80
N PHE A 84 60.58 52.92 -57.91
CA PHE A 84 60.34 52.81 -56.48
C PHE A 84 61.34 53.67 -55.72
N ASP A 85 60.89 54.22 -54.59
CA ASP A 85 61.72 55.10 -53.78
C ASP A 85 62.79 54.32 -53.00
N GLY A 86 63.85 54.98 -52.53
CA GLY A 86 64.96 54.30 -51.84
C GLY A 86 65.19 54.80 -50.42
N ARG A 87 64.94 53.91 -49.45
CA ARG A 87 65.06 54.26 -48.02
C ARG A 87 65.47 53.06 -47.14
N LYS A 88 65.99 53.41 -45.97
CA LYS A 88 66.65 52.50 -45.04
C LYS A 88 66.61 53.31 -43.74
N GLN A 89 66.45 52.72 -42.54
CA GLN A 89 66.54 51.30 -42.26
C GLN A 89 65.41 50.90 -41.28
N GLU A 90 64.80 49.73 -41.50
CA GLU A 90 63.81 49.10 -40.59
C GLU A 90 62.36 49.65 -40.70
N ASP A 91 61.37 48.84 -40.28
CA ASP A 91 59.95 49.02 -40.64
C ASP A 91 58.91 48.63 -39.56
N VAL A 92 57.65 48.74 -39.95
CA VAL A 92 56.56 47.89 -39.44
C VAL A 92 55.40 47.83 -40.44
N VAL A 93 54.80 46.65 -40.59
CA VAL A 93 53.64 46.46 -41.47
C VAL A 93 52.47 45.89 -40.64
N GLU A 94 51.47 46.71 -40.31
CA GLU A 94 50.32 46.20 -39.57
C GLU A 94 49.51 45.29 -40.51
N MET A 95 49.41 43.99 -40.14
CA MET A 95 48.80 42.96 -41.00
C MET A 95 47.29 42.94 -40.86
N ASP A 96 46.61 43.14 -41.98
CA ASP A 96 45.17 43.29 -42.01
C ASP A 96 44.50 42.00 -41.54
N ASP A 97 43.24 42.11 -41.12
CA ASP A 97 42.50 41.03 -40.45
C ASP A 97 42.57 39.68 -41.13
N ASN A 98 42.72 39.68 -42.45
CA ASN A 98 42.77 38.43 -43.23
C ASN A 98 44.06 38.32 -44.02
N PHE A 99 45.11 38.96 -43.49
CA PHE A 99 46.46 38.83 -44.05
C PHE A 99 46.85 37.37 -44.04
N GLU A 100 47.26 36.82 -45.17
CA GLU A 100 47.60 35.41 -45.23
C GLU A 100 49.02 35.14 -45.72
N PHE A 101 49.23 35.24 -47.04
CA PHE A 101 50.53 34.95 -47.62
C PHE A 101 51.46 36.13 -47.34
N GLY A 102 52.55 35.88 -46.61
CA GLY A 102 53.58 36.90 -46.37
C GLY A 102 54.74 36.67 -47.33
N LEU A 103 55.61 37.66 -47.46
CA LEU A 103 56.72 37.57 -48.42
C LEU A 103 57.82 38.57 -48.04
N CYS A 104 58.89 38.10 -47.39
CA CYS A 104 60.01 38.98 -47.02
C CYS A 104 60.74 39.58 -48.25
N PRO A 105 61.58 40.61 -48.02
CA PRO A 105 62.28 41.19 -49.14
C PRO A 105 63.66 40.58 -49.39
N CYS A 106 64.66 41.04 -48.63
CA CYS A 106 66.05 40.99 -49.10
C CYS A 106 66.68 39.65 -48.80
N ASP A 107 66.18 38.64 -49.53
CA ASP A 107 66.48 37.23 -49.28
C ASP A 107 66.74 37.02 -47.80
N ALA A 108 65.72 37.37 -47.03
CA ALA A 108 65.83 37.44 -45.59
C ALA A 108 64.87 36.46 -44.89
N LYS A 109 65.46 35.72 -43.98
CA LYS A 109 64.75 34.67 -43.27
C LYS A 109 63.94 35.25 -42.12
N PRO A 110 62.61 34.93 -42.06
CA PRO A 110 61.75 35.34 -40.94
C PRO A 110 62.26 34.93 -39.54
N ILE A 111 61.96 35.79 -38.57
CA ILE A 111 62.05 35.42 -37.15
C ILE A 111 60.67 35.64 -36.54
N VAL A 112 60.10 34.57 -35.97
CA VAL A 112 58.73 34.53 -35.48
C VAL A 112 58.70 34.70 -33.96
N ARG A 113 58.24 35.86 -33.47
CA ARG A 113 57.82 36.01 -32.08
C ARG A 113 56.31 36.05 -32.11
N GLY A 114 55.67 35.34 -31.19
CA GLY A 114 54.22 35.47 -30.99
C GLY A 114 53.64 34.53 -29.97
N LYS A 115 52.32 34.52 -29.92
CA LYS A 115 51.56 33.69 -28.97
C LYS A 115 51.84 32.16 -29.08
N PHE A 116 51.48 31.59 -30.23
CA PHE A 116 51.65 30.17 -30.53
C PHE A 116 52.33 29.90 -31.88
N ASN A 117 52.52 28.62 -32.20
CA ASN A 117 52.93 28.19 -33.54
C ASN A 117 51.71 28.25 -34.55
N THR A 118 51.96 28.86 -35.72
CA THR A 118 50.95 29.17 -36.78
C THR A 118 51.61 29.67 -38.10
N THR A 119 52.60 28.96 -38.59
CA THR A 119 53.46 29.49 -39.65
C THR A 119 53.94 28.48 -40.68
N LEU A 120 54.06 28.91 -41.93
CA LEU A 120 54.74 28.13 -42.95
C LEU A 120 55.88 28.89 -43.67
N LEU A 121 57.10 28.43 -43.47
CA LEU A 121 58.28 29.10 -43.95
C LEU A 121 58.82 28.40 -45.19
N ASN A 122 58.65 29.04 -46.35
CA ASN A 122 59.31 28.62 -47.57
C ASN A 122 60.46 29.54 -47.92
N GLY A 123 61.58 29.33 -47.24
CA GLY A 123 62.69 30.27 -47.30
C GLY A 123 62.32 31.61 -46.70
N PRO A 124 62.62 32.72 -47.40
CA PRO A 124 62.33 34.06 -46.88
C PRO A 124 60.88 34.49 -47.14
N ALA A 125 60.15 33.64 -47.88
CA ALA A 125 58.69 33.65 -47.94
C ALA A 125 58.19 33.07 -46.65
N PHE A 126 56.94 33.36 -46.32
CA PHE A 126 56.32 32.89 -45.08
C PHE A 126 54.80 33.09 -45.10
N GLN A 127 54.09 32.31 -44.28
CA GLN A 127 52.62 32.21 -44.37
C GLN A 127 51.96 31.97 -43.02
N MET A 128 50.91 32.69 -42.77
CA MET A 128 50.15 32.46 -41.58
C MET A 128 49.06 31.49 -42.00
N VAL A 129 49.14 30.29 -41.43
CA VAL A 129 48.06 29.32 -41.53
C VAL A 129 47.12 29.59 -40.32
N CYS A 130 45.84 29.86 -40.62
CA CYS A 130 44.79 30.16 -39.65
C CYS A 130 45.29 30.53 -38.24
N PRO A 131 45.80 31.76 -38.08
CA PRO A 131 46.29 32.36 -36.85
C PRO A 131 45.19 33.19 -36.17
N ILE A 132 43.93 32.82 -36.42
CA ILE A 132 42.82 33.21 -35.59
C ILE A 132 43.35 33.31 -34.15
N GLY A 133 43.08 34.42 -33.50
CA GLY A 133 43.50 34.64 -32.13
C GLY A 133 45.01 34.78 -31.97
N TRP A 134 45.69 35.35 -32.99
CA TRP A 134 47.16 35.50 -32.97
C TRP A 134 47.65 36.85 -32.56
N THR A 135 48.72 36.86 -31.78
CA THR A 135 49.59 38.02 -31.69
C THR A 135 51.07 37.58 -31.75
N GLY A 136 51.88 38.56 -32.17
CA GLY A 136 53.31 38.40 -32.40
C GLY A 136 53.87 39.39 -33.44
N THR A 137 55.18 39.27 -33.68
CA THR A 137 55.89 40.13 -34.63
C THR A 137 56.98 39.36 -35.37
N VAL A 138 56.84 39.29 -36.70
CA VAL A 138 57.79 38.56 -37.55
C VAL A 138 58.78 39.52 -38.22
N SER A 139 60.08 39.32 -37.96
CA SER A 139 61.13 40.21 -38.43
C SER A 139 62.14 39.49 -39.35
N CYS A 140 62.14 39.82 -40.65
CA CYS A 140 62.94 39.18 -41.65
C CYS A 140 64.44 39.46 -41.46
N THR A 141 65.07 38.98 -40.39
CA THR A 141 66.46 39.43 -40.08
C THR A 141 67.53 38.92 -41.04
N SER A 142 68.79 39.27 -40.80
CA SER A 142 69.91 38.52 -41.38
C SER A 142 71.23 38.62 -40.60
N PHE A 143 71.99 37.53 -40.63
CA PHE A 143 73.14 37.26 -39.73
C PHE A 143 74.44 37.31 -40.50
N ASN A 144 75.45 37.99 -39.94
CA ASN A 144 76.76 38.01 -40.54
C ASN A 144 77.57 36.93 -39.84
N MET A 145 78.22 36.06 -40.61
CA MET A 145 78.93 34.92 -40.00
C MET A 145 80.21 35.36 -39.33
N ASP A 146 80.94 36.26 -40.00
CA ASP A 146 82.25 36.71 -39.52
C ASP A 146 82.05 37.44 -38.19
N THR A 147 81.40 38.60 -38.25
CA THR A 147 80.91 39.26 -37.06
C THR A 147 79.62 38.54 -36.75
N LEU A 148 79.34 38.27 -35.49
CA LEU A 148 78.13 37.54 -35.12
C LEU A 148 76.94 38.49 -34.95
N ALA A 149 77.08 39.71 -35.46
CA ALA A 149 75.99 40.68 -35.52
C ALA A 149 74.99 40.20 -36.55
N THR A 150 73.77 40.70 -36.43
CA THR A 150 72.64 40.21 -37.21
C THR A 150 71.55 41.26 -37.19
N THR A 151 70.83 41.45 -38.28
CA THR A 151 69.84 42.54 -38.27
C THR A 151 68.66 42.44 -39.24
N VAL A 152 67.57 43.05 -38.79
CA VAL A 152 66.27 43.03 -39.41
C VAL A 152 66.07 44.15 -40.39
N VAL A 153 65.35 43.82 -41.47
CA VAL A 153 64.95 44.79 -42.51
C VAL A 153 63.51 45.27 -42.29
N ARG A 154 62.63 44.34 -41.98
CA ARG A 154 61.24 44.68 -41.94
C ARG A 154 60.54 43.81 -40.89
N THR A 155 59.72 44.49 -40.06
CA THR A 155 58.83 43.87 -39.07
C THR A 155 57.39 43.93 -39.60
N TYR A 156 56.65 42.88 -39.30
CA TYR A 156 55.21 42.81 -39.61
C TYR A 156 54.51 42.58 -38.26
N ARG A 157 53.76 43.60 -37.80
CA ARG A 157 53.22 43.63 -36.45
C ARG A 157 51.75 43.16 -36.41
N ARG A 158 51.39 42.44 -35.36
CA ARG A 158 49.99 42.10 -35.04
C ARG A 158 49.79 42.26 -33.55
N SER A 159 49.27 43.41 -33.16
CA SER A 159 49.02 43.70 -31.76
C SER A 159 47.64 43.14 -31.35
N LYS A 160 46.67 43.16 -32.27
CA LYS A 160 45.33 42.61 -32.02
C LYS A 160 45.18 41.22 -32.64
N PRO A 161 44.48 40.32 -31.96
CA PRO A 161 44.26 38.95 -32.48
C PRO A 161 43.28 38.83 -33.66
N PHE A 162 43.64 37.99 -34.62
CA PHE A 162 42.87 37.77 -35.85
C PHE A 162 41.51 37.18 -35.53
N PRO A 163 40.52 37.40 -36.40
CA PRO A 163 39.30 36.60 -36.34
C PRO A 163 39.25 35.59 -37.47
N HIS A 164 38.18 34.79 -37.48
CA HIS A 164 38.05 33.59 -38.32
C HIS A 164 38.02 33.90 -39.80
N ARG A 165 38.13 32.86 -40.61
CA ARG A 165 38.40 33.04 -42.03
C ARG A 165 38.01 31.82 -42.89
N GLN A 166 38.55 31.80 -44.11
CA GLN A 166 38.11 30.92 -45.22
C GLN A 166 37.84 29.45 -44.84
N GLY A 167 38.70 28.53 -45.31
CA GLY A 167 38.64 27.13 -44.99
C GLY A 167 39.57 26.93 -43.82
N CYS A 168 39.13 27.40 -42.66
CA CYS A 168 39.85 27.21 -41.40
C CYS A 168 39.04 26.26 -40.53
N ILE A 169 39.37 24.97 -40.59
CA ILE A 169 38.74 23.97 -39.73
C ILE A 169 39.04 24.30 -38.26
N THR A 170 37.98 24.51 -37.46
CA THR A 170 38.11 24.90 -36.03
C THR A 170 37.53 23.86 -35.00
N GLN A 171 37.72 22.57 -35.29
CA GLN A 171 37.28 21.44 -34.43
C GLN A 171 38.06 20.11 -34.62
N LYS A 172 38.83 19.74 -33.58
CA LYS A 172 39.72 18.58 -33.58
C LYS A 172 39.24 17.37 -32.72
N ASN A 173 39.69 16.16 -33.03
CA ASN A 173 39.39 14.97 -32.19
C ASN A 173 40.55 14.66 -31.26
N LEU A 174 40.34 14.83 -29.96
CA LEU A 174 41.26 14.27 -28.99
C LEU A 174 40.76 12.88 -28.58
N GLY A 175 41.42 11.85 -29.09
CA GLY A 175 40.95 10.47 -28.95
C GLY A 175 39.71 10.25 -29.80
N GLU A 176 38.57 10.10 -29.14
CA GLU A 176 37.30 9.87 -29.83
C GLU A 176 36.34 11.11 -29.76
N ASP A 177 36.68 12.06 -28.90
CA ASP A 177 35.85 13.22 -28.65
C ASP A 177 36.19 14.36 -29.56
N LEU A 178 35.19 15.00 -30.15
CA LEU A 178 35.42 16.29 -30.83
C LEU A 178 35.66 17.33 -29.75
N HIS A 179 36.63 18.19 -29.98
CA HIS A 179 36.97 19.26 -29.05
C HIS A 179 37.05 20.56 -29.85
N ASN A 180 36.75 21.67 -29.18
CA ASN A 180 36.83 22.96 -29.82
C ASN A 180 38.26 23.31 -30.26
N CYS A 181 38.38 24.35 -31.07
CA CYS A 181 39.65 25.00 -31.24
C CYS A 181 39.50 26.35 -30.61
N ILE A 182 40.23 26.60 -29.52
CA ILE A 182 40.15 27.90 -28.88
C ILE A 182 40.82 28.96 -29.75
N LEU A 183 42.04 28.66 -30.19
CA LEU A 183 42.81 29.54 -31.08
C LEU A 183 43.27 28.78 -32.31
N GLY A 184 43.61 29.51 -33.36
CA GLY A 184 44.06 28.93 -34.64
C GLY A 184 42.97 28.12 -35.35
N GLY A 185 43.35 27.58 -36.53
CA GLY A 185 42.46 26.78 -37.39
C GLY A 185 43.15 25.52 -37.85
N ASN A 186 43.10 25.17 -39.15
CA ASN A 186 43.74 23.92 -39.59
C ASN A 186 45.01 23.77 -38.79
N TRP A 187 45.43 22.55 -38.59
CA TRP A 187 46.60 22.27 -37.74
C TRP A 187 47.22 23.29 -36.71
N THR A 188 46.79 24.53 -36.62
CA THR A 188 47.23 25.37 -35.50
C THR A 188 46.24 25.35 -34.40
N CYS A 189 45.31 24.38 -34.44
CA CYS A 189 44.28 24.22 -33.42
C CYS A 189 44.92 24.09 -32.04
N VAL A 190 44.67 25.08 -31.18
CA VAL A 190 44.95 24.97 -29.76
C VAL A 190 43.61 24.61 -29.13
N PRO A 191 43.45 23.33 -28.72
CA PRO A 191 42.09 22.83 -28.60
C PRO A 191 41.46 23.30 -27.28
N GLY A 192 40.14 23.19 -27.16
CA GLY A 192 39.43 23.66 -25.98
C GLY A 192 38.52 22.62 -25.37
N ASP A 193 37.62 23.13 -24.55
CA ASP A 193 36.43 22.41 -24.06
C ASP A 193 35.81 21.51 -25.15
N GLN A 194 35.08 20.47 -24.75
CA GLN A 194 34.44 19.60 -25.74
C GLN A 194 33.28 20.31 -26.46
N LEU A 195 32.86 19.79 -27.60
CA LEU A 195 31.72 20.35 -28.36
C LEU A 195 30.43 19.86 -27.76
N LEU A 196 29.47 20.74 -27.56
CA LEU A 196 28.14 20.37 -27.05
C LEU A 196 27.18 20.14 -28.21
N TYR A 197 26.13 19.37 -27.97
CA TYR A 197 25.22 18.98 -29.04
C TYR A 197 24.08 20.01 -29.24
N LYS A 198 24.20 20.83 -30.29
CA LYS A 198 23.16 21.80 -30.63
C LYS A 198 21.92 21.14 -31.25
N GLY A 199 22.12 19.97 -31.84
CA GLY A 199 21.09 19.35 -32.68
C GLY A 199 21.73 18.62 -33.84
N GLY A 200 20.93 17.85 -34.55
CA GLY A 200 21.40 17.20 -35.77
C GLY A 200 20.80 15.83 -35.90
N SER A 201 20.74 15.31 -37.12
CA SER A 201 20.35 13.92 -37.29
C SER A 201 21.52 13.07 -36.78
N ILE A 202 21.32 12.30 -35.69
CA ILE A 202 22.41 11.54 -35.06
C ILE A 202 22.45 10.09 -35.53
N GLU A 203 23.67 9.57 -35.52
CA GLU A 203 23.94 8.20 -35.88
C GLU A 203 24.09 7.34 -34.63
N SER A 204 24.83 7.83 -33.64
CA SER A 204 25.26 7.00 -32.52
C SER A 204 25.45 7.75 -31.19
N CYS A 205 25.03 7.08 -30.11
CA CYS A 205 25.17 7.58 -28.73
C CYS A 205 26.08 6.69 -27.86
N LYS A 206 26.94 7.31 -27.05
CA LYS A 206 27.80 6.58 -26.13
C LYS A 206 27.53 7.07 -24.72
N TRP A 207 27.23 6.10 -23.88
CA TRP A 207 26.89 6.31 -22.49
C TRP A 207 27.33 5.11 -21.62
N CYS A 208 28.01 5.45 -20.53
CA CYS A 208 28.56 4.51 -19.58
C CYS A 208 29.54 3.52 -20.19
N GLY A 209 30.04 3.85 -21.37
CA GLY A 209 30.91 2.92 -22.05
C GLY A 209 30.13 1.82 -22.72
N TYR A 210 28.98 2.20 -23.26
CA TYR A 210 28.20 1.29 -24.04
C TYR A 210 27.53 2.10 -25.12
N GLN A 211 27.57 1.59 -26.34
CA GLN A 211 27.23 2.39 -27.51
C GLN A 211 25.91 1.98 -28.18
N PHE A 212 24.99 2.94 -28.25
CA PHE A 212 23.60 2.68 -28.66
C PHE A 212 23.23 3.37 -29.95
N LYS A 213 22.23 2.80 -30.63
CA LYS A 213 21.72 3.35 -31.86
C LYS A 213 20.38 4.08 -31.69
N GLU A 214 19.46 3.48 -30.93
CA GLU A 214 18.05 3.89 -30.96
C GLU A 214 17.52 4.28 -29.59
N SER A 215 16.39 4.99 -29.61
CA SER A 215 15.76 5.53 -28.41
C SER A 215 15.50 4.46 -27.32
N GLU A 216 15.15 3.26 -27.77
CA GLU A 216 14.68 2.13 -26.92
C GLU A 216 15.46 1.78 -25.64
N GLY A 217 14.87 2.09 -24.48
CA GLY A 217 15.38 1.62 -23.19
C GLY A 217 15.97 2.71 -22.31
N LEU A 218 16.54 3.74 -22.93
CA LEU A 218 17.24 4.75 -22.19
C LEU A 218 16.24 5.75 -21.63
N PRO A 219 16.59 6.38 -20.49
CA PRO A 219 15.78 7.44 -19.89
C PRO A 219 15.23 8.45 -20.90
N HIS A 220 15.98 8.69 -21.97
CA HIS A 220 15.58 9.55 -23.07
C HIS A 220 16.59 9.35 -24.17
N TYR A 221 16.25 9.80 -25.37
CA TYR A 221 17.21 9.78 -26.47
C TYR A 221 17.23 11.11 -27.23
N PRO A 222 18.41 11.62 -27.51
CA PRO A 222 19.75 11.16 -27.16
C PRO A 222 20.36 11.74 -25.90
N ILE A 223 21.37 11.02 -25.41
CA ILE A 223 21.84 11.02 -24.02
C ILE A 223 23.33 10.64 -23.98
N GLY A 224 24.05 11.04 -22.95
CA GLY A 224 25.46 10.62 -22.75
C GLY A 224 26.43 11.52 -23.47
N LYS A 225 26.96 11.01 -24.60
CA LYS A 225 27.63 11.82 -25.66
C LYS A 225 27.36 11.12 -26.99
N CYS A 226 27.09 11.90 -28.04
CA CYS A 226 26.59 11.33 -29.30
C CYS A 226 27.00 12.11 -30.58
N LYS A 227 27.47 11.35 -31.57
CA LYS A 227 28.24 11.83 -32.75
C LYS A 227 27.44 11.82 -34.06
N LEU A 228 27.67 12.80 -34.95
CA LEU A 228 26.81 12.93 -36.16
C LEU A 228 27.26 11.97 -37.26
N GLU A 229 26.40 11.76 -38.26
CA GLU A 229 26.68 10.81 -39.37
C GLU A 229 27.92 11.21 -40.20
N ASN A 230 27.86 12.43 -40.75
CA ASN A 230 28.97 13.03 -41.52
C ASN A 230 30.28 13.17 -40.75
N GLU A 231 30.17 13.30 -39.44
CA GLU A 231 31.32 13.57 -38.60
C GLU A 231 32.02 12.35 -38.03
N THR A 232 33.11 12.64 -37.34
CA THR A 232 34.06 11.65 -36.92
C THR A 232 33.89 11.30 -35.46
N GLY A 233 33.75 12.31 -34.61
CA GLY A 233 33.86 12.13 -33.15
C GLY A 233 32.60 12.51 -32.40
N TYR A 234 32.68 12.43 -31.07
CA TYR A 234 31.49 12.61 -30.23
C TYR A 234 31.35 14.03 -29.70
N ARG A 235 30.13 14.54 -29.82
CA ARG A 235 29.74 15.74 -29.12
C ARG A 235 28.96 15.37 -27.87
N LEU A 236 29.38 15.93 -26.74
CA LEU A 236 28.61 15.96 -25.49
C LEU A 236 27.12 16.03 -25.77
N VAL A 237 26.33 15.50 -24.86
CA VAL A 237 24.92 15.89 -24.77
C VAL A 237 24.54 16.08 -23.30
N ASP A 238 24.66 14.99 -22.56
CA ASP A 238 23.95 14.81 -21.31
C ASP A 238 24.83 13.91 -20.47
N SER A 239 25.12 14.35 -19.25
CA SER A 239 25.88 13.54 -18.32
C SER A 239 24.91 12.98 -17.27
N THR A 240 23.91 12.24 -17.75
CA THR A 240 23.07 11.44 -16.89
C THR A 240 23.98 10.43 -16.20
N SER A 241 23.84 10.32 -14.88
CA SER A 241 24.69 9.43 -14.08
C SER A 241 24.50 7.96 -14.41
N CYS A 242 25.60 7.24 -14.38
CA CYS A 242 25.60 5.86 -14.82
C CYS A 242 25.15 4.93 -13.72
N ASN A 243 23.97 5.23 -13.22
CA ASN A 243 23.29 4.44 -12.20
C ASN A 243 21.80 4.66 -12.34
N ARG A 244 21.02 3.60 -12.25
CA ARG A 244 19.55 3.68 -12.38
C ARG A 244 18.80 3.15 -11.12
N GLU A 245 18.90 3.95 -10.05
CA GLU A 245 18.30 3.68 -8.74
C GLU A 245 18.89 2.43 -8.17
N GLY A 246 20.08 2.58 -7.61
CA GLY A 246 20.82 1.49 -6.98
C GLY A 246 21.48 0.47 -7.93
N VAL A 247 20.90 0.30 -9.10
CA VAL A 247 21.52 -0.56 -10.07
C VAL A 247 22.28 0.29 -11.09
N ALA A 248 23.62 0.16 -11.09
CA ALA A 248 24.49 0.94 -11.97
C ALA A 248 25.00 0.07 -13.10
N ILE A 249 25.15 0.66 -14.30
CA ILE A 249 25.61 -0.05 -15.51
C ILE A 249 27.08 0.26 -15.76
N VAL A 250 27.88 -0.81 -15.95
CA VAL A 250 29.34 -0.71 -15.98
C VAL A 250 29.98 -1.66 -16.96
N PRO A 251 31.28 -1.42 -17.25
CA PRO A 251 32.14 -2.39 -17.92
C PRO A 251 32.00 -3.79 -17.32
N GLN A 252 32.42 -3.92 -16.06
CA GLN A 252 32.72 -5.21 -15.40
C GLN A 252 31.57 -5.74 -14.53
N GLY A 253 30.98 -6.88 -14.92
CA GLY A 253 30.01 -7.63 -14.09
C GLY A 253 28.72 -6.89 -13.72
N THR A 254 27.76 -7.56 -13.04
CA THR A 254 27.87 -8.97 -12.61
C THR A 254 26.81 -9.87 -13.28
N LEU A 255 25.75 -9.29 -13.81
CA LEU A 255 24.94 -10.02 -14.79
C LEU A 255 24.48 -9.14 -15.91
N LYS A 256 24.19 -9.79 -17.04
CA LYS A 256 23.94 -9.15 -18.34
C LYS A 256 22.49 -9.08 -18.72
N CYS A 257 22.02 -7.86 -18.93
CA CYS A 257 20.69 -7.58 -19.47
C CYS A 257 20.88 -6.88 -20.83
N LYS A 258 19.81 -6.43 -21.47
CA LYS A 258 19.89 -5.83 -22.82
C LYS A 258 19.10 -4.52 -22.92
N ILE A 259 19.71 -3.45 -23.44
CA ILE A 259 18.94 -2.22 -23.74
C ILE A 259 18.82 -2.05 -25.23
N GLY A 260 17.70 -1.51 -25.71
CA GLY A 260 17.55 -1.40 -27.16
C GLY A 260 17.94 -2.73 -27.78
N LYS A 261 18.98 -2.74 -28.62
CA LYS A 261 19.50 -4.01 -29.15
C LYS A 261 20.83 -4.43 -28.48
N THR A 262 21.37 -3.56 -27.63
CA THR A 262 22.76 -3.70 -27.21
C THR A 262 22.93 -4.60 -25.98
N THR A 263 24.04 -5.32 -25.89
CA THR A 263 24.42 -5.98 -24.63
C THR A 263 24.91 -4.92 -23.60
N VAL A 264 24.80 -5.29 -22.31
CA VAL A 264 25.14 -4.44 -21.18
C VAL A 264 25.49 -5.27 -19.97
N GLN A 265 26.56 -4.90 -19.29
CA GLN A 265 26.77 -5.43 -17.96
C GLN A 265 26.32 -4.42 -16.92
N VAL A 266 25.85 -4.97 -15.79
CA VAL A 266 25.29 -4.17 -14.69
C VAL A 266 25.55 -4.86 -13.35
N ILE A 267 25.88 -4.02 -12.37
CA ILE A 267 26.12 -4.42 -10.98
C ILE A 267 25.18 -3.60 -10.10
N ALA A 268 24.66 -4.23 -9.05
CA ALA A 268 23.77 -3.56 -8.14
C ALA A 268 24.54 -2.97 -6.98
N MET A 269 24.20 -1.69 -6.69
CA MET A 269 24.76 -0.96 -5.54
C MET A 269 23.95 -1.21 -4.26
N ASP A 270 22.61 -1.11 -4.35
CA ASP A 270 21.73 -1.40 -3.21
C ASP A 270 20.91 -2.74 -3.36
N THR A 271 20.33 -3.18 -2.24
CA THR A 271 19.63 -4.47 -2.14
C THR A 271 18.13 -4.31 -1.83
N LYS A 272 17.64 -3.08 -1.66
CA LYS A 272 16.22 -2.83 -1.56
C LYS A 272 15.47 -3.19 -2.85
N LEU A 273 14.14 -3.17 -2.77
CA LEU A 273 13.33 -3.43 -3.93
C LEU A 273 13.64 -2.37 -4.97
N GLY A 274 13.92 -2.80 -6.20
CA GLY A 274 14.41 -1.89 -7.25
C GLY A 274 14.10 -2.35 -8.68
N PRO A 275 13.92 -1.39 -9.60
CA PRO A 275 13.66 -1.79 -10.96
C PRO A 275 14.99 -1.96 -11.67
N MET A 276 15.18 -3.10 -12.31
CA MET A 276 16.26 -3.27 -13.22
C MET A 276 15.90 -2.30 -14.31
N PRO A 277 16.91 -1.57 -14.85
CA PRO A 277 16.72 -0.60 -15.94
C PRO A 277 16.51 -1.27 -17.29
N CYS A 278 17.25 -2.34 -17.51
CA CYS A 278 17.35 -2.97 -18.79
C CYS A 278 16.47 -4.17 -18.91
N ARG A 279 15.94 -4.40 -20.11
CA ARG A 279 15.26 -5.67 -20.45
C ARG A 279 16.26 -6.88 -20.34
N PRO A 280 15.75 -8.11 -20.14
CA PRO A 280 16.65 -9.20 -19.79
C PRO A 280 17.16 -10.03 -20.95
N TYR A 281 18.19 -10.81 -20.64
CA TYR A 281 18.98 -11.55 -21.61
C TYR A 281 18.39 -12.89 -22.02
N GLU A 282 18.57 -13.90 -21.18
CA GLU A 282 18.30 -15.28 -21.53
C GLU A 282 17.15 -15.90 -20.70
N ILE A 283 15.99 -16.05 -21.34
CA ILE A 283 14.74 -16.44 -20.69
C ILE A 283 14.56 -17.96 -20.84
N ILE A 284 14.65 -18.71 -19.75
CA ILE A 284 14.60 -20.18 -19.81
C ILE A 284 13.30 -20.80 -19.26
N SER A 285 12.68 -21.65 -20.09
CA SER A 285 11.40 -22.30 -19.77
C SER A 285 11.57 -23.73 -19.26
N SER A 286 10.55 -24.21 -18.55
CA SER A 286 10.42 -25.62 -18.15
C SER A 286 9.09 -25.87 -17.43
N THR A 293 0.60 -27.68 -20.82
CA THR A 293 0.67 -26.91 -19.58
C THR A 293 0.10 -27.70 -18.39
N ALA A 294 0.69 -27.48 -17.23
CA ALA A 294 0.09 -27.84 -15.96
C ALA A 294 0.04 -26.52 -15.17
N CYS A 295 1.07 -26.30 -14.35
CA CYS A 295 1.63 -24.96 -14.21
C CYS A 295 2.88 -25.00 -15.04
N THR A 296 3.06 -23.94 -15.84
CA THR A 296 4.22 -23.77 -16.68
C THR A 296 4.73 -22.38 -16.40
N PHE A 297 6.04 -22.21 -16.55
CA PHE A 297 6.69 -21.01 -16.08
C PHE A 297 7.97 -20.68 -16.86
N ASN A 298 8.09 -19.42 -17.24
CA ASN A 298 9.35 -18.91 -17.75
C ASN A 298 9.99 -18.14 -16.60
N TYR A 299 11.30 -17.92 -16.73
CA TYR A 299 12.03 -17.10 -15.74
C TYR A 299 13.36 -16.63 -16.30
N THR A 300 14.01 -15.76 -15.54
CA THR A 300 15.33 -15.30 -15.89
C THR A 300 16.14 -15.03 -14.65
N LYS A 301 17.43 -14.74 -14.82
CA LYS A 301 18.26 -14.37 -13.69
C LYS A 301 18.09 -12.88 -13.38
N THR A 302 18.39 -12.47 -12.15
CA THR A 302 18.32 -11.05 -11.78
C THR A 302 19.30 -10.73 -10.63
N LEU A 303 19.05 -9.57 -10.06
CA LEU A 303 19.80 -9.03 -8.96
C LEU A 303 18.92 -8.90 -7.73
N LYS A 304 19.61 -9.02 -6.60
CA LYS A 304 19.05 -8.92 -5.27
C LYS A 304 17.55 -8.75 -5.27
N ASN A 305 17.06 -7.55 -5.49
CA ASN A 305 15.62 -7.36 -5.41
C ASN A 305 15.02 -6.66 -6.59
N LYS A 306 15.58 -6.95 -7.76
CA LYS A 306 15.31 -6.10 -8.87
C LYS A 306 14.45 -6.78 -9.92
N TYR A 307 13.43 -6.03 -10.31
CA TYR A 307 12.33 -6.53 -11.14
C TYR A 307 12.37 -6.01 -12.55
N PHE A 308 12.34 -6.91 -13.52
CA PHE A 308 12.14 -6.51 -14.91
C PHE A 308 10.63 -6.48 -15.14
N GLU A 309 10.17 -5.58 -15.99
CA GLU A 309 8.85 -5.71 -16.54
C GLU A 309 8.86 -6.93 -17.45
N PRO A 310 7.68 -7.40 -17.89
CA PRO A 310 6.36 -7.06 -17.42
C PRO A 310 5.99 -7.89 -16.17
N ARG A 311 5.04 -7.37 -15.39
CA ARG A 311 4.56 -8.05 -14.19
C ARG A 311 3.85 -9.31 -14.67
N ASP A 312 3.68 -10.32 -13.82
CA ASP A 312 2.83 -11.43 -14.23
C ASP A 312 1.38 -11.03 -13.99
N SER A 313 0.69 -10.84 -15.12
CA SER A 313 -0.75 -10.72 -15.22
C SER A 313 -1.49 -11.55 -14.18
N TYR A 314 -1.12 -12.83 -14.11
CA TYR A 314 -1.84 -13.82 -13.30
C TYR A 314 -1.89 -13.41 -11.81
N PHE A 315 -0.73 -13.03 -11.27
CA PHE A 315 -0.58 -12.64 -9.87
C PHE A 315 -0.43 -11.15 -9.73
N GLN A 316 -0.89 -10.44 -10.76
CA GLN A 316 -0.79 -8.99 -10.91
C GLN A 316 0.41 -8.39 -10.18
N GLN A 317 1.57 -8.99 -10.44
CA GLN A 317 2.76 -8.58 -9.74
C GLN A 317 4.05 -9.15 -10.29
N TYR A 318 5.12 -8.40 -10.04
CA TYR A 318 6.45 -8.89 -10.29
C TYR A 318 6.66 -10.02 -9.29
N MET A 319 7.07 -11.20 -9.78
CA MET A 319 7.16 -12.40 -8.92
C MET A 319 8.59 -12.97 -8.76
N LEU A 320 9.09 -12.90 -7.52
CA LEU A 320 10.52 -12.73 -7.29
C LEU A 320 11.19 -13.55 -6.21
N LYS A 321 11.67 -14.76 -6.52
CA LYS A 321 12.29 -15.65 -5.51
C LYS A 321 13.35 -14.93 -4.66
N GLY A 322 14.36 -14.37 -5.32
CA GLY A 322 15.53 -13.77 -4.65
C GLY A 322 16.72 -13.67 -5.57
N GLU A 323 16.81 -14.62 -6.49
CA GLU A 323 17.77 -14.55 -7.54
C GLU A 323 17.14 -14.41 -8.90
N TYR A 324 15.89 -14.87 -9.02
CA TYR A 324 15.26 -15.02 -10.34
C TYR A 324 13.88 -14.46 -10.29
N GLN A 325 13.41 -13.98 -11.43
CA GLN A 325 12.07 -13.41 -11.52
C GLN A 325 11.32 -14.35 -12.44
N TYR A 326 10.10 -14.73 -12.05
CA TYR A 326 9.35 -15.75 -12.78
C TYR A 326 8.12 -15.20 -13.47
N TRP A 327 7.64 -15.94 -14.46
CA TRP A 327 6.34 -15.70 -15.10
C TRP A 327 5.58 -17.02 -15.22
N PHE A 328 4.26 -16.99 -14.94
CA PHE A 328 3.44 -18.21 -14.84
C PHE A 328 2.21 -18.28 -15.72
N ASP A 329 2.09 -19.40 -16.43
CA ASP A 329 0.85 -19.79 -17.05
C ASP A 329 0.31 -21.07 -16.45
N LEU A 330 -0.94 -21.00 -16.03
CA LEU A 330 -1.70 -22.14 -15.55
C LEU A 330 -2.80 -22.43 -16.56
N GLU A 331 -2.94 -23.71 -16.91
CA GLU A 331 -3.91 -24.10 -17.96
C GLU A 331 -5.37 -23.95 -17.54
N LEU B 2 -76.75 -34.21 79.19
CA LEU B 2 -77.76 -35.25 78.88
C LEU B 2 -77.18 -36.32 77.92
N ASP B 3 -78.04 -37.29 77.64
CA ASP B 3 -77.65 -38.63 77.22
C ASP B 3 -78.50 -39.16 76.06
N CYS B 4 -77.99 -40.20 75.41
CA CYS B 4 -78.70 -40.89 74.34
C CYS B 4 -79.16 -42.26 74.84
N LYS B 5 -80.45 -42.51 74.69
CA LYS B 5 -81.09 -43.69 75.27
C LYS B 5 -81.61 -44.53 74.10
N PRO B 6 -81.99 -45.79 74.35
CA PRO B 6 -82.43 -46.68 73.26
C PRO B 6 -83.77 -46.35 72.57
N GLU B 7 -84.77 -45.93 73.32
CA GLU B 7 -86.08 -45.72 72.73
C GLU B 7 -86.25 -44.42 71.91
N PHE B 8 -85.17 -43.77 71.56
CA PHE B 8 -85.27 -42.49 70.88
C PHE B 8 -84.63 -42.57 69.51
N SER B 9 -84.83 -41.49 68.77
CA SER B 9 -84.06 -41.15 67.59
C SER B 9 -83.35 -39.82 67.89
N TYR B 10 -82.21 -39.61 67.23
CA TYR B 10 -81.46 -38.37 67.34
C TYR B 10 -81.09 -37.84 65.96
N ALA B 11 -81.02 -36.53 65.85
CA ALA B 11 -80.38 -35.88 64.73
C ALA B 11 -79.91 -34.49 65.24
N ILE B 12 -79.40 -33.65 64.33
CA ILE B 12 -78.79 -32.36 64.70
C ILE B 12 -79.50 -31.23 63.98
N ALA B 13 -79.61 -30.09 64.67
CA ALA B 13 -80.20 -28.91 64.07
C ALA B 13 -79.40 -27.69 64.36
N LYS B 14 -79.43 -26.77 63.38
CA LYS B 14 -78.87 -25.41 63.46
C LYS B 14 -79.78 -24.41 64.17
N ASP B 15 -81.09 -24.51 63.89
CA ASP B 15 -82.09 -23.69 64.56
C ASP B 15 -83.07 -24.54 65.39
N GLU B 16 -83.49 -23.96 66.51
CA GLU B 16 -84.38 -24.62 67.46
C GLU B 16 -85.83 -24.48 67.04
N ARG B 17 -86.07 -24.60 65.75
CA ARG B 17 -87.36 -24.22 65.25
C ARG B 17 -88.14 -25.46 64.99
N ILE B 18 -89.32 -25.50 65.59
CA ILE B 18 -90.32 -26.51 65.28
C ILE B 18 -91.46 -25.86 64.52
N GLY B 19 -91.47 -26.06 63.21
CA GLY B 19 -92.56 -25.56 62.44
C GLY B 19 -93.60 -26.64 62.39
N GLN B 20 -94.52 -26.45 61.44
CA GLN B 20 -95.68 -27.29 61.30
C GLN B 20 -95.32 -28.78 61.27
N LEU B 21 -94.56 -29.18 60.27
CA LEU B 21 -94.46 -30.60 59.93
C LEU B 21 -93.08 -31.13 60.24
N GLY B 22 -92.57 -30.66 61.36
CA GLY B 22 -91.35 -31.22 61.83
C GLY B 22 -90.57 -30.14 62.48
N ALA B 23 -89.31 -30.46 62.74
CA ALA B 23 -88.34 -29.45 63.07
C ALA B 23 -88.00 -28.83 61.74
N GLU B 24 -87.39 -27.66 61.77
CA GLU B 24 -87.00 -27.03 60.53
C GLU B 24 -85.50 -27.05 60.31
N GLY B 25 -84.68 -27.08 61.38
CA GLY B 25 -83.26 -26.71 61.29
C GLY B 25 -82.28 -27.83 61.10
N LEU B 26 -82.72 -28.87 60.42
CA LEU B 26 -82.02 -30.14 60.41
C LEU B 26 -80.91 -30.31 59.40
N THR B 27 -79.73 -30.58 59.93
CA THR B 27 -78.55 -30.86 59.15
C THR B 27 -78.19 -32.33 59.13
N THR B 28 -79.19 -33.20 59.30
CA THR B 28 -78.98 -34.63 59.28
C THR B 28 -80.26 -35.33 58.85
N THR B 29 -80.17 -36.66 58.84
CA THR B 29 -81.33 -37.53 58.88
C THR B 29 -81.32 -38.25 60.23
N TRP B 30 -82.52 -38.54 60.74
CA TRP B 30 -82.69 -39.06 62.08
C TRP B 30 -82.02 -40.40 62.22
N LYS B 31 -81.28 -40.58 63.30
CA LYS B 31 -80.59 -41.85 63.54
C LYS B 31 -81.16 -42.64 64.74
N GLU B 32 -81.62 -43.86 64.45
CA GLU B 32 -82.11 -44.82 65.43
C GLU B 32 -81.02 -45.30 66.39
N TYR B 33 -81.35 -45.45 67.67
CA TYR B 33 -80.30 -45.74 68.64
C TYR B 33 -79.40 -46.91 68.19
N SER B 34 -78.10 -46.65 68.11
CA SER B 34 -77.08 -47.69 68.08
C SER B 34 -76.24 -47.54 69.35
N PRO B 35 -75.69 -48.65 69.85
CA PRO B 35 -74.80 -48.52 71.01
C PRO B 35 -73.70 -47.51 70.74
N GLY B 36 -73.14 -47.52 69.52
CA GLY B 36 -72.11 -46.57 69.12
C GLY B 36 -72.46 -45.64 67.96
N MET B 37 -73.72 -45.21 67.86
CA MET B 37 -74.13 -44.28 66.79
C MET B 37 -73.33 -42.99 66.83
N LYS B 38 -73.00 -42.49 65.65
CA LYS B 38 -72.30 -41.21 65.48
C LYS B 38 -73.03 -40.33 64.49
N LEU B 39 -73.14 -39.05 64.82
CA LEU B 39 -73.81 -38.11 63.96
C LEU B 39 -72.76 -37.20 63.41
N GLU B 40 -72.92 -36.77 62.16
CA GLU B 40 -71.89 -35.97 61.49
C GLU B 40 -72.42 -34.89 60.57
N ASP B 41 -72.01 -33.66 60.81
CA ASP B 41 -72.20 -32.59 59.84
C ASP B 41 -70.96 -31.68 59.71
N THR B 42 -71.12 -30.59 58.95
CA THR B 42 -70.06 -29.62 58.58
C THR B 42 -69.52 -28.75 59.74
N MET B 43 -70.23 -28.76 60.85
CA MET B 43 -69.91 -27.96 62.02
C MET B 43 -69.39 -28.82 63.14
N VAL B 44 -70.00 -29.99 63.29
CA VAL B 44 -69.73 -30.82 64.43
C VAL B 44 -69.93 -32.30 64.10
N ILE B 45 -69.31 -33.11 64.94
CA ILE B 45 -69.43 -34.52 64.87
C ILE B 45 -69.56 -35.07 66.29
N ALA B 46 -70.46 -36.03 66.45
CA ALA B 46 -70.79 -36.58 67.75
C ALA B 46 -70.68 -38.10 67.75
N TRP B 47 -70.72 -38.63 68.96
CA TRP B 47 -70.72 -40.06 69.17
C TRP B 47 -71.36 -40.31 70.54
N CYS B 48 -72.03 -41.45 70.64
CA CYS B 48 -72.56 -41.91 71.90
C CYS B 48 -71.80 -43.17 72.27
N GLU B 49 -71.11 -43.11 73.41
CA GLU B 49 -70.21 -44.16 73.82
C GLU B 49 -70.94 -45.12 74.75
N ASP B 50 -71.48 -44.59 75.85
CA ASP B 50 -72.15 -45.38 76.89
C ASP B 50 -73.65 -45.33 76.77
N GLY B 51 -74.14 -44.28 76.14
CA GLY B 51 -75.50 -43.81 76.34
C GLY B 51 -75.45 -42.38 76.84
N LYS B 52 -74.26 -41.95 77.28
CA LYS B 52 -74.00 -40.53 77.52
C LYS B 52 -73.29 -39.92 76.32
N LEU B 53 -73.43 -38.60 76.18
CA LEU B 53 -73.11 -37.92 74.93
C LEU B 53 -71.83 -37.13 74.96
N MET B 54 -71.12 -37.21 73.83
CA MET B 54 -69.84 -36.56 73.68
C MET B 54 -69.63 -36.23 72.21
N TYR B 55 -69.06 -35.05 71.95
CA TYR B 55 -68.95 -34.47 70.60
C TYR B 55 -67.68 -33.64 70.48
N LEU B 56 -67.29 -33.34 69.25
CA LEU B 56 -66.17 -32.45 69.02
C LEU B 56 -66.48 -31.54 67.85
N GLN B 57 -66.73 -30.27 68.18
CA GLN B 57 -66.96 -29.24 67.17
C GLN B 57 -65.79 -29.20 66.21
N ARG B 58 -66.12 -29.15 64.92
CA ARG B 58 -65.14 -28.98 63.87
C ARG B 58 -65.31 -27.62 63.20
N CYS B 59 -65.68 -26.61 63.99
CA CYS B 59 -65.88 -25.24 63.50
C CYS B 59 -66.78 -24.48 64.45
N THR B 60 -66.58 -23.17 64.52
CA THR B 60 -67.11 -22.29 65.59
C THR B 60 -68.33 -21.42 65.25
N ARG B 61 -68.43 -21.01 64.00
CA ARG B 61 -69.30 -19.91 63.57
C ARG B 61 -70.76 -20.16 63.70
N GLU B 62 -71.16 -21.40 63.48
CA GLU B 62 -72.55 -21.76 63.58
C GLU B 62 -72.86 -22.50 64.87
N THR B 63 -73.96 -22.10 65.51
CA THR B 63 -74.38 -22.63 66.80
C THR B 63 -75.25 -23.84 66.53
N ARG B 64 -75.00 -24.92 67.27
CA ARG B 64 -75.79 -26.14 67.06
C ARG B 64 -76.41 -26.82 68.31
N TYR B 65 -77.42 -27.62 68.00
CA TYR B 65 -78.19 -28.36 68.98
C TYR B 65 -78.16 -29.82 68.64
N LEU B 66 -78.52 -30.65 69.60
CA LEU B 66 -78.98 -32.02 69.29
C LEU B 66 -80.50 -32.07 69.27
N ALA B 67 -81.06 -32.69 68.23
CA ALA B 67 -82.50 -32.94 68.19
C ALA B 67 -82.79 -34.34 68.68
N ILE B 68 -83.87 -34.46 69.44
CA ILE B 68 -84.24 -35.70 70.08
C ILE B 68 -85.72 -35.90 69.94
N LEU B 69 -86.08 -36.88 69.12
CA LEU B 69 -87.45 -37.26 68.99
C LEU B 69 -87.57 -38.73 69.30
N HIS B 70 -88.31 -39.02 70.38
CA HIS B 70 -88.71 -40.37 70.81
C HIS B 70 -89.32 -41.18 69.66
N THR B 71 -88.78 -42.37 69.41
CA THR B 71 -89.04 -43.08 68.15
C THR B 71 -90.52 -43.20 67.75
N ARG B 72 -91.39 -43.31 68.73
CA ARG B 72 -92.83 -43.20 68.45
C ARG B 72 -93.17 -41.78 68.00
N ALA B 73 -92.91 -40.85 68.94
CA ALA B 73 -93.53 -39.51 69.08
C ALA B 73 -93.95 -38.76 67.81
N LEU B 74 -94.64 -37.65 68.01
CA LEU B 74 -94.97 -36.70 66.92
C LEU B 74 -93.69 -35.95 66.50
N PRO B 75 -93.46 -35.79 65.18
CA PRO B 75 -92.31 -35.00 64.72
C PRO B 75 -92.34 -33.63 65.38
N THR B 76 -93.58 -33.17 65.58
CA THR B 76 -93.92 -31.83 66.06
C THR B 76 -93.61 -31.68 67.56
N SER B 77 -92.90 -32.65 68.14
CA SER B 77 -92.67 -32.75 69.57
C SER B 77 -91.21 -32.89 69.96
N VAL B 78 -90.31 -32.73 68.99
CA VAL B 78 -88.88 -32.96 69.23
C VAL B 78 -88.38 -32.05 70.32
N VAL B 79 -87.23 -32.37 70.88
CA VAL B 79 -86.60 -31.40 71.77
C VAL B 79 -85.18 -31.17 71.34
N PHE B 80 -84.56 -30.14 71.90
CA PHE B 80 -83.19 -29.81 71.55
C PHE B 80 -82.33 -29.45 72.75
N LYS B 81 -81.10 -29.93 72.73
CA LYS B 81 -80.10 -29.50 73.68
C LYS B 81 -79.04 -28.70 72.91
N LYS B 82 -78.57 -27.60 73.49
CA LYS B 82 -77.54 -26.77 72.85
C LYS B 82 -76.19 -27.41 73.06
N LEU B 83 -75.54 -27.80 71.96
CA LEU B 83 -74.25 -28.47 72.06
C LEU B 83 -73.16 -27.45 72.15
N PHE B 84 -73.25 -26.38 71.34
CA PHE B 84 -72.24 -25.33 71.34
C PHE B 84 -72.67 -24.07 70.58
N ASP B 85 -72.10 -22.93 70.99
CA ASP B 85 -72.55 -21.61 70.52
C ASP B 85 -71.99 -21.25 69.15
N GLY B 86 -72.54 -20.19 68.55
CA GLY B 86 -72.19 -19.77 67.17
C GLY B 86 -71.51 -18.41 67.05
N ARG B 87 -70.29 -18.32 67.59
CA ARG B 87 -69.47 -17.13 67.49
C ARG B 87 -68.77 -17.06 66.14
N LYS B 88 -68.81 -15.88 65.52
CA LYS B 88 -68.22 -15.64 64.19
C LYS B 88 -67.07 -14.59 64.26
N GLN B 89 -65.84 -15.06 64.41
CA GLN B 89 -64.71 -14.24 64.90
C GLN B 89 -63.55 -13.96 63.92
N GLU B 90 -62.98 -15.00 63.29
CA GLU B 90 -61.72 -14.93 62.48
C GLU B 90 -60.40 -14.85 63.30
N ASP B 91 -59.26 -15.16 62.65
CA ASP B 91 -57.95 -15.39 63.33
C ASP B 91 -56.71 -14.76 62.66
N VAL B 92 -56.19 -15.40 61.60
CA VAL B 92 -54.91 -15.10 60.89
C VAL B 92 -53.80 -16.07 61.31
N VAL B 93 -52.99 -16.48 60.35
CA VAL B 93 -51.96 -17.52 60.54
C VAL B 93 -50.72 -17.26 59.67
N GLU B 94 -49.54 -17.16 60.29
CA GLU B 94 -48.27 -17.00 59.55
C GLU B 94 -47.67 -18.37 59.24
N MET B 95 -47.38 -18.61 57.96
CA MET B 95 -46.96 -19.93 57.49
C MET B 95 -45.49 -20.15 57.81
N ASP B 96 -45.13 -21.34 58.26
CA ASP B 96 -43.72 -21.63 58.58
C ASP B 96 -42.92 -21.45 57.32
N ASP B 97 -41.60 -21.33 57.45
CA ASP B 97 -40.75 -21.35 56.26
C ASP B 97 -40.87 -22.67 55.46
N ASN B 98 -41.25 -23.74 56.16
CA ASN B 98 -41.55 -25.01 55.52
C ASN B 98 -42.98 -25.16 55.10
N PHE B 99 -43.78 -24.13 55.30
CA PHE B 99 -45.20 -24.24 54.98
C PHE B 99 -45.36 -24.73 53.57
N GLU B 100 -46.30 -25.64 53.39
CA GLU B 100 -46.31 -26.47 52.21
C GLU B 100 -47.70 -26.68 51.68
N PHE B 101 -48.61 -27.04 52.60
CA PHE B 101 -49.97 -27.51 52.29
C PHE B 101 -50.97 -26.77 53.12
N GLY B 102 -51.93 -26.13 52.46
CA GLY B 102 -52.92 -25.30 53.15
C GLY B 102 -54.24 -26.03 53.28
N LEU B 103 -55.08 -25.55 54.20
CA LEU B 103 -56.39 -26.17 54.42
C LEU B 103 -57.38 -25.18 55.00
N CYS B 104 -58.27 -24.67 54.16
CA CYS B 104 -59.39 -23.86 54.63
C CYS B 104 -60.46 -24.68 55.37
N PRO B 105 -61.22 -24.06 56.31
CA PRO B 105 -62.13 -24.84 57.13
C PRO B 105 -63.54 -25.01 56.56
N CYS B 106 -64.37 -23.98 56.64
CA CYS B 106 -65.81 -24.17 56.70
C CYS B 106 -66.42 -24.43 55.33
N ASP B 107 -65.87 -25.42 54.66
CA ASP B 107 -66.09 -25.65 53.23
C ASP B 107 -65.98 -24.34 52.47
N ALA B 108 -64.94 -23.59 52.81
CA ALA B 108 -64.75 -22.23 52.38
C ALA B 108 -63.63 -22.09 51.33
N LYS B 109 -64.05 -21.64 50.14
CA LYS B 109 -63.15 -21.31 49.04
C LYS B 109 -62.01 -20.44 49.53
N PRO B 110 -60.74 -20.83 49.21
CA PRO B 110 -59.70 -19.82 49.41
C PRO B 110 -59.81 -18.85 48.26
N ILE B 111 -59.50 -17.57 48.50
CA ILE B 111 -59.05 -16.71 47.40
C ILE B 111 -57.71 -16.13 47.80
N VAL B 112 -56.85 -15.99 46.80
CA VAL B 112 -55.43 -15.75 46.98
C VAL B 112 -54.97 -14.38 46.47
N ARG B 113 -54.29 -13.66 47.35
CA ARG B 113 -53.52 -12.51 46.95
C ARG B 113 -52.07 -12.79 47.29
N GLY B 114 -51.19 -12.65 46.30
CA GLY B 114 -49.75 -12.75 46.51
C GLY B 114 -48.94 -12.29 45.31
N LYS B 115 -47.64 -12.57 45.35
CA LYS B 115 -46.75 -12.18 44.26
C LYS B 115 -47.10 -12.85 42.91
N PHE B 116 -46.99 -14.16 42.83
CA PHE B 116 -47.11 -14.84 41.55
C PHE B 116 -48.01 -16.05 41.57
N ASN B 117 -48.00 -16.84 40.50
CA ASN B 117 -48.69 -18.14 40.45
C ASN B 117 -47.88 -19.31 41.03
N THR B 118 -48.47 -19.93 42.06
CA THR B 118 -47.83 -20.92 42.97
C THR B 118 -48.83 -21.80 43.77
N THR B 119 -50.08 -21.98 43.32
CA THR B 119 -51.10 -22.68 44.12
C THR B 119 -51.87 -23.77 43.36
N LEU B 120 -52.18 -24.84 44.07
CA LEU B 120 -53.20 -25.76 43.58
C LEU B 120 -54.48 -25.69 44.43
N LEU B 121 -55.61 -25.52 43.74
CA LEU B 121 -56.87 -25.33 44.41
C LEU B 121 -57.78 -26.53 44.25
N ASN B 122 -58.00 -27.22 45.39
CA ASN B 122 -58.87 -28.40 45.51
C ASN B 122 -60.04 -28.14 46.45
N GLY B 123 -61.04 -27.43 45.91
CA GLY B 123 -62.11 -26.84 46.70
C GLY B 123 -61.57 -25.93 47.80
N PRO B 124 -62.01 -26.18 49.05
CA PRO B 124 -61.73 -25.35 50.22
C PRO B 124 -60.44 -25.69 50.92
N ALA B 125 -59.61 -26.48 50.25
CA ALA B 125 -58.25 -26.72 50.68
C ALA B 125 -57.34 -26.47 49.51
N PHE B 126 -56.08 -26.09 49.78
CA PHE B 126 -55.13 -25.64 48.76
C PHE B 126 -53.66 -26.03 49.04
N GLN B 127 -52.77 -25.73 48.08
CA GLN B 127 -51.36 -26.14 48.15
C GLN B 127 -50.34 -25.24 47.42
N MET B 128 -49.29 -24.88 48.16
CA MET B 128 -48.23 -24.03 47.67
C MET B 128 -47.16 -24.89 47.04
N VAL B 129 -47.06 -24.89 45.72
CA VAL B 129 -45.95 -25.56 45.05
C VAL B 129 -44.81 -24.54 44.83
N CYS B 130 -43.62 -24.88 45.30
CA CYS B 130 -42.46 -23.96 45.34
C CYS B 130 -42.82 -22.48 45.32
N PRO B 131 -43.35 -21.96 46.44
CA PRO B 131 -43.62 -20.54 46.60
C PRO B 131 -42.36 -19.78 46.98
N ILE B 132 -41.21 -20.23 46.50
CA ILE B 132 -39.96 -19.59 46.79
C ILE B 132 -40.15 -18.10 46.57
N GLY B 133 -39.72 -17.32 47.57
CA GLY B 133 -39.76 -15.86 47.49
C GLY B 133 -41.14 -15.30 47.28
N TRP B 134 -42.15 -15.99 47.80
CA TRP B 134 -43.53 -15.55 47.67
C TRP B 134 -43.79 -14.61 48.80
N THR B 135 -44.76 -13.73 48.61
CA THR B 135 -45.51 -13.12 49.70
C THR B 135 -46.96 -12.91 49.27
N GLY B 136 -47.82 -12.79 50.27
CA GLY B 136 -49.25 -12.65 50.05
C GLY B 136 -50.10 -13.14 51.21
N THR B 137 -51.36 -13.39 50.92
CA THR B 137 -52.36 -13.84 51.87
C THR B 137 -53.48 -14.60 51.13
N VAL B 138 -53.67 -15.86 51.51
CA VAL B 138 -54.86 -16.60 51.09
C VAL B 138 -55.86 -16.38 52.22
N SER B 139 -57.13 -16.32 51.87
CA SER B 139 -58.19 -16.16 52.87
C SER B 139 -59.45 -16.91 52.45
N CYS B 140 -59.96 -17.72 53.37
CA CYS B 140 -60.95 -18.74 53.06
C CYS B 140 -62.37 -18.20 52.99
N THR B 141 -62.65 -17.36 52.01
CA THR B 141 -63.92 -16.64 52.02
C THR B 141 -65.10 -17.54 51.69
N SER B 142 -66.26 -17.07 52.09
CA SER B 142 -67.49 -17.81 51.83
C SER B 142 -68.68 -16.82 51.57
N PHE B 143 -69.46 -17.16 50.54
CA PHE B 143 -70.51 -16.34 50.05
C PHE B 143 -71.75 -16.67 50.85
N ASN B 144 -72.81 -15.95 50.57
CA ASN B 144 -74.16 -16.39 50.83
C ASN B 144 -75.02 -15.80 49.72
N MET B 145 -75.87 -16.60 49.07
CA MET B 145 -76.65 -16.11 47.91
C MET B 145 -77.90 -15.35 48.31
N ASP B 146 -78.38 -15.57 49.54
CA ASP B 146 -79.53 -14.85 50.06
C ASP B 146 -79.12 -13.47 50.52
N THR B 147 -78.24 -13.38 51.51
CA THR B 147 -77.52 -12.14 51.75
C THR B 147 -76.41 -12.19 50.74
N LEU B 148 -76.12 -11.06 50.09
CA LEU B 148 -75.04 -11.06 49.13
C LEU B 148 -73.76 -10.52 49.75
N ALA B 149 -73.69 -10.51 51.07
CA ALA B 149 -72.40 -10.38 51.72
C ALA B 149 -71.65 -11.68 51.49
N THR B 150 -70.40 -11.67 51.93
CA THR B 150 -69.52 -12.83 51.79
C THR B 150 -68.45 -12.70 52.87
N THR B 151 -67.92 -13.81 53.41
CA THR B 151 -66.74 -13.66 54.30
C THR B 151 -65.79 -14.83 54.52
N VAL B 152 -64.59 -14.42 54.85
CA VAL B 152 -63.50 -15.27 55.22
C VAL B 152 -63.61 -15.63 56.67
N VAL B 153 -63.02 -16.78 56.98
CA VAL B 153 -62.87 -17.32 58.31
C VAL B 153 -61.45 -17.09 58.87
N ARG B 154 -60.47 -17.20 58.00
CA ARG B 154 -59.11 -17.16 58.40
C ARG B 154 -58.25 -16.73 57.22
N THR B 155 -57.27 -15.88 57.52
CA THR B 155 -56.30 -15.43 56.54
C THR B 155 -54.98 -16.09 56.87
N TYR B 156 -54.28 -16.54 55.83
CA TYR B 156 -52.94 -17.07 56.02
C TYR B 156 -51.96 -16.11 55.40
N ARG B 157 -51.05 -15.65 56.24
CA ARG B 157 -50.21 -14.56 55.86
C ARG B 157 -48.76 -14.98 55.67
N ARG B 158 -48.15 -14.37 54.66
CA ARG B 158 -46.70 -14.42 54.43
C ARG B 158 -46.22 -13.02 54.11
N SER B 159 -45.81 -12.25 55.13
CA SER B 159 -45.24 -10.92 54.91
C SER B 159 -43.80 -11.05 54.42
N LYS B 160 -43.05 -11.91 55.10
CA LYS B 160 -41.65 -12.18 54.75
C LYS B 160 -41.57 -13.25 53.64
N PRO B 161 -40.80 -13.00 52.57
CA PRO B 161 -40.75 -13.98 51.48
C PRO B 161 -40.10 -15.30 51.83
N PHE B 162 -40.58 -16.35 51.16
CA PHE B 162 -40.14 -17.70 51.44
C PHE B 162 -38.72 -17.86 50.99
N PRO B 163 -37.86 -18.47 51.82
CA PRO B 163 -36.55 -18.78 51.30
C PRO B 163 -36.65 -19.96 50.33
N HIS B 164 -35.52 -20.36 49.76
CA HIS B 164 -35.49 -21.59 48.99
C HIS B 164 -35.50 -22.75 49.96
N ARG B 165 -35.89 -23.92 49.47
CA ARG B 165 -36.17 -25.03 50.33
C ARG B 165 -35.76 -26.31 49.62
N GLN B 166 -34.75 -26.97 50.20
CA GLN B 166 -34.14 -28.20 49.70
C GLN B 166 -34.81 -28.85 48.49
N GLY B 167 -36.10 -29.14 48.58
CA GLY B 167 -36.80 -29.90 47.53
C GLY B 167 -37.37 -29.13 46.35
N CYS B 168 -36.79 -27.96 46.02
CA CYS B 168 -37.27 -27.14 44.90
C CYS B 168 -36.22 -26.90 43.76
N ILE B 169 -36.49 -27.39 42.54
CA ILE B 169 -35.61 -27.13 41.36
C ILE B 169 -35.62 -25.66 40.99
N THR B 170 -34.47 -24.99 40.97
CA THR B 170 -34.45 -23.53 40.68
C THR B 170 -33.75 -23.06 39.35
N GLN B 171 -33.88 -23.83 38.26
CA GLN B 171 -33.31 -23.45 36.97
C GLN B 171 -33.88 -24.17 35.73
N LYS B 172 -34.47 -23.35 34.86
CA LYS B 172 -35.23 -23.83 33.72
C LYS B 172 -34.46 -23.83 32.37
N ASN B 173 -34.83 -24.78 31.51
CA ASN B 173 -34.12 -25.03 30.28
C ASN B 173 -34.91 -24.51 29.09
N LEU B 174 -34.36 -23.49 28.41
CA LEU B 174 -35.02 -22.90 27.24
C LEU B 174 -34.14 -22.82 26.00
N GLY B 175 -34.61 -23.47 24.92
CA GLY B 175 -33.79 -23.73 23.74
C GLY B 175 -32.79 -24.83 24.05
N GLU B 176 -31.54 -24.44 24.27
CA GLU B 176 -30.54 -25.28 24.95
C GLU B 176 -29.84 -24.44 26.05
N ASP B 177 -30.44 -23.30 26.41
CA ASP B 177 -29.85 -22.37 27.36
C ASP B 177 -30.38 -22.60 28.76
N LEU B 178 -29.48 -22.65 29.72
CA LEU B 178 -29.84 -22.78 31.12
C LEU B 178 -30.32 -21.40 31.59
N HIS B 179 -31.34 -21.39 32.44
CA HIS B 179 -31.89 -20.13 32.95
C HIS B 179 -32.29 -20.20 34.40
N ASN B 180 -31.86 -19.20 35.18
CA ASN B 180 -32.23 -19.09 36.60
C ASN B 180 -33.76 -19.01 36.78
N CYS B 181 -34.20 -19.22 38.01
CA CYS B 181 -35.56 -18.90 38.38
C CYS B 181 -35.46 -17.74 39.35
N ILE B 182 -35.90 -16.56 38.93
CA ILE B 182 -36.01 -15.45 39.86
C ILE B 182 -36.94 -15.90 40.98
N LEU B 183 -38.10 -16.42 40.58
CA LEU B 183 -39.15 -16.81 41.50
C LEU B 183 -39.71 -18.17 41.08
N GLY B 184 -39.92 -19.07 42.07
CA GLY B 184 -40.45 -20.40 41.82
C GLY B 184 -39.43 -21.55 41.85
N GLY B 185 -39.93 -22.75 41.55
CA GLY B 185 -39.12 -23.97 41.46
C GLY B 185 -39.75 -24.84 40.41
N ASN B 186 -39.74 -26.17 40.54
CA ASN B 186 -40.36 -27.01 39.52
C ASN B 186 -41.56 -26.19 38.99
N TRP B 187 -41.84 -26.23 37.71
CA TRP B 187 -43.00 -25.56 37.11
C TRP B 187 -43.67 -24.30 37.76
N THR B 188 -43.23 -23.77 38.89
CA THR B 188 -43.62 -22.39 39.20
C THR B 188 -42.55 -21.43 38.79
N CYS B 189 -41.51 -21.95 38.13
CA CYS B 189 -40.34 -21.15 37.80
C CYS B 189 -40.77 -19.99 36.94
N VAL B 190 -40.54 -18.79 37.46
CA VAL B 190 -40.69 -17.56 36.67
C VAL B 190 -39.26 -17.15 36.33
N PRO B 191 -38.81 -17.45 35.09
CA PRO B 191 -37.37 -17.64 34.97
C PRO B 191 -36.70 -16.28 35.02
N GLY B 192 -35.38 -16.24 34.84
CA GLY B 192 -34.64 -14.97 34.78
C GLY B 192 -33.54 -14.97 33.73
N ASP B 193 -32.44 -14.30 34.05
CA ASP B 193 -31.26 -14.34 33.22
C ASP B 193 -30.67 -15.76 33.10
N GLN B 194 -29.97 -16.01 32.00
CA GLN B 194 -29.15 -17.21 31.85
C GLN B 194 -28.09 -17.32 32.97
N LEU B 195 -27.58 -18.53 33.17
CA LEU B 195 -26.63 -18.81 34.23
C LEU B 195 -25.22 -18.40 33.81
N LEU B 196 -24.49 -17.77 34.74
CA LEU B 196 -23.07 -17.47 34.52
C LEU B 196 -22.26 -18.68 34.92
N TYR B 197 -21.24 -19.02 34.13
CA TYR B 197 -20.46 -20.25 34.33
C TYR B 197 -19.29 -20.00 35.30
N LYS B 198 -19.46 -20.39 36.56
CA LYS B 198 -18.44 -20.09 37.56
C LYS B 198 -17.26 -21.07 37.51
N GLY B 199 -17.44 -22.21 36.87
CA GLY B 199 -16.38 -23.20 36.79
C GLY B 199 -16.93 -24.60 36.74
N GLY B 200 -16.09 -25.54 36.35
CA GLY B 200 -16.50 -26.93 36.21
C GLY B 200 -16.16 -27.42 34.82
N SER B 201 -16.19 -28.72 34.64
CA SER B 201 -15.81 -29.31 33.36
C SER B 201 -16.96 -29.16 32.37
N ILE B 202 -16.64 -28.53 31.24
CA ILE B 202 -17.57 -28.39 30.11
C ILE B 202 -17.49 -29.59 29.16
N GLU B 203 -18.63 -30.03 28.67
CA GLU B 203 -18.70 -31.08 27.68
C GLU B 203 -18.68 -30.44 26.29
N SER B 204 -19.34 -29.29 26.14
CA SER B 204 -19.40 -28.60 24.84
C SER B 204 -19.57 -27.09 24.96
N CYS B 205 -18.82 -26.36 24.13
CA CYS B 205 -19.00 -24.91 23.91
C CYS B 205 -19.86 -24.60 22.70
N LYS B 206 -20.66 -23.55 22.84
CA LYS B 206 -21.31 -23.00 21.68
C LYS B 206 -20.84 -21.58 21.49
N TRP B 207 -20.20 -21.38 20.33
CA TRP B 207 -19.79 -20.09 19.85
C TRP B 207 -20.24 -19.89 18.39
N CYS B 208 -20.86 -18.72 18.17
CA CYS B 208 -21.28 -18.25 16.86
C CYS B 208 -22.14 -19.22 16.09
N GLY B 209 -22.83 -20.10 16.81
CA GLY B 209 -23.75 -21.03 16.18
C GLY B 209 -23.04 -22.23 15.61
N TYR B 210 -22.02 -22.66 16.34
CA TYR B 210 -21.23 -23.75 15.90
C TYR B 210 -20.61 -24.38 17.14
N GLN B 211 -20.62 -25.72 17.19
CA GLN B 211 -20.32 -26.47 18.41
C GLN B 211 -18.88 -27.01 18.51
N PHE B 212 -18.15 -26.56 19.54
CA PHE B 212 -16.74 -26.94 19.74
C PHE B 212 -16.49 -27.70 21.00
N LYS B 213 -15.53 -28.59 20.87
CA LYS B 213 -15.25 -29.60 21.85
C LYS B 213 -13.91 -29.25 22.47
N GLU B 214 -12.97 -28.82 21.62
CA GLU B 214 -11.57 -28.74 21.98
C GLU B 214 -11.07 -27.30 21.95
N SER B 215 -10.06 -27.03 22.78
CA SER B 215 -9.47 -25.70 22.91
C SER B 215 -8.96 -25.12 21.57
N GLU B 216 -8.52 -26.01 20.67
CA GLU B 216 -7.92 -25.67 19.35
C GLU B 216 -8.60 -24.61 18.47
N GLY B 217 -7.88 -23.51 18.30
CA GLY B 217 -8.17 -22.55 17.24
C GLY B 217 -9.21 -21.55 17.69
N LEU B 218 -8.88 -20.86 18.77
CA LEU B 218 -9.74 -19.87 19.35
C LEU B 218 -8.93 -18.97 20.27
N PRO B 219 -9.42 -17.73 20.46
CA PRO B 219 -8.78 -16.76 21.37
C PRO B 219 -8.34 -17.34 22.74
N HIS B 220 -9.00 -18.43 23.16
CA HIS B 220 -8.77 -19.08 24.46
C HIS B 220 -9.78 -20.21 24.52
N TYR B 221 -9.84 -20.90 25.66
CA TYR B 221 -10.95 -21.82 25.91
C TYR B 221 -11.27 -21.85 27.41
N PRO B 222 -12.56 -21.75 27.78
CA PRO B 222 -13.75 -21.66 26.95
C PRO B 222 -14.33 -20.26 26.82
N ILE B 223 -15.33 -20.17 25.94
CA ILE B 223 -15.64 -18.94 25.21
C ILE B 223 -17.06 -19.00 24.62
N GLY B 224 -17.78 -17.88 24.61
CA GLY B 224 -19.14 -17.82 24.02
C GLY B 224 -20.22 -18.23 24.99
N LYS B 225 -20.69 -19.47 24.90
CA LYS B 225 -21.52 -20.06 25.97
C LYS B 225 -21.24 -21.56 26.00
N CYS B 226 -21.11 -22.15 27.19
CA CYS B 226 -20.64 -23.54 27.30
C CYS B 226 -21.26 -24.34 28.47
N LYS B 227 -21.78 -25.54 28.13
CA LYS B 227 -22.65 -26.41 28.98
C LYS B 227 -21.93 -27.51 29.73
N LEU B 228 -22.26 -27.74 31.00
CA LEU B 228 -21.41 -28.64 31.81
C LEU B 228 -21.79 -30.11 31.63
N GLU B 229 -20.92 -30.97 32.17
CA GLU B 229 -21.08 -32.41 32.08
C GLU B 229 -22.26 -32.97 32.92
N ASN B 230 -22.55 -32.38 34.10
CA ASN B 230 -23.77 -32.73 34.90
C ASN B 230 -25.09 -32.16 34.40
N GLU B 231 -25.06 -31.36 33.34
CA GLU B 231 -26.24 -30.57 32.95
C GLU B 231 -26.77 -30.82 31.54
N THR B 232 -27.68 -29.95 31.14
CA THR B 232 -28.53 -30.13 29.98
C THR B 232 -28.45 -29.02 28.95
N GLY B 233 -28.05 -27.83 29.37
CA GLY B 233 -27.92 -26.69 28.47
C GLY B 233 -26.74 -25.79 28.80
N TYR B 234 -26.73 -24.60 28.18
CA TYR B 234 -25.52 -23.78 28.20
C TYR B 234 -25.61 -22.62 29.18
N ARG B 235 -24.57 -22.52 30.00
CA ARG B 235 -24.28 -21.36 30.79
C ARG B 235 -23.39 -20.42 29.98
N LEU B 236 -23.74 -19.14 30.00
CA LEU B 236 -22.97 -18.04 29.41
C LEU B 236 -21.62 -17.95 30.08
N VAL B 237 -20.58 -17.66 29.29
CA VAL B 237 -19.23 -17.48 29.81
C VAL B 237 -18.72 -16.10 29.37
N ASP B 238 -18.66 -15.92 28.05
CA ASP B 238 -18.03 -14.79 27.44
C ASP B 238 -18.94 -14.45 26.24
N SER B 239 -18.75 -13.29 25.63
CA SER B 239 -19.42 -13.04 24.37
C SER B 239 -18.44 -12.37 23.44
N THR B 240 -17.44 -13.12 23.02
CA THR B 240 -16.41 -12.64 22.09
C THR B 240 -17.11 -12.34 20.75
N SER B 241 -16.84 -11.17 20.20
CA SER B 241 -17.48 -10.76 18.95
C SER B 241 -17.28 -11.81 17.85
N CYS B 242 -18.36 -12.40 17.33
CA CYS B 242 -18.23 -13.39 16.26
C CYS B 242 -18.04 -12.78 14.91
N ASN B 243 -17.15 -11.79 14.87
CA ASN B 243 -16.62 -11.15 13.66
C ASN B 243 -15.14 -10.91 13.92
N ARG B 244 -14.29 -11.35 13.02
CA ARG B 244 -12.87 -11.45 13.36
C ARG B 244 -11.93 -10.84 12.33
N GLU B 245 -11.56 -9.59 12.61
CA GLU B 245 -10.57 -8.88 11.83
C GLU B 245 -11.07 -8.75 10.41
N GLY B 246 -12.18 -8.05 10.23
CA GLY B 246 -12.79 -7.93 8.93
C GLY B 246 -13.40 -9.19 8.33
N VAL B 247 -13.31 -10.34 8.98
CA VAL B 247 -14.04 -11.51 8.45
C VAL B 247 -14.87 -12.20 9.56
N ALA B 248 -16.13 -12.45 9.24
CA ALA B 248 -17.12 -12.82 10.22
C ALA B 248 -17.68 -14.18 9.89
N ILE B 249 -18.15 -14.90 10.93
CA ILE B 249 -18.54 -16.33 10.85
C ILE B 249 -19.99 -16.55 11.26
N VAL B 250 -20.78 -17.10 10.34
CA VAL B 250 -22.25 -17.10 10.48
C VAL B 250 -22.85 -18.42 10.03
N PRO B 251 -24.17 -18.56 10.18
CA PRO B 251 -24.82 -19.76 9.72
C PRO B 251 -24.71 -19.93 8.23
N GLN B 252 -25.43 -19.08 7.50
CA GLN B 252 -25.55 -19.24 6.07
C GLN B 252 -24.50 -18.40 5.35
N GLY B 253 -23.76 -19.06 4.47
CA GLY B 253 -22.87 -18.40 3.49
C GLY B 253 -21.52 -17.91 4.02
N THR B 254 -20.52 -17.72 3.15
CA THR B 254 -20.57 -18.02 1.70
C THR B 254 -19.53 -19.04 1.25
N LEU B 255 -18.52 -19.29 2.07
CA LEU B 255 -17.69 -20.47 1.93
C LEU B 255 -17.34 -21.02 3.30
N LYS B 256 -16.97 -22.31 3.34
CA LYS B 256 -16.73 -23.06 4.57
C LYS B 256 -15.26 -23.34 4.86
N CYS B 257 -14.67 -22.73 5.90
CA CYS B 257 -13.30 -23.10 6.34
C CYS B 257 -13.42 -24.11 7.47
N LYS B 258 -12.44 -24.22 8.39
CA LYS B 258 -12.56 -25.14 9.57
C LYS B 258 -11.79 -24.69 10.86
N ILE B 259 -12.23 -25.17 12.03
CA ILE B 259 -11.45 -25.10 13.31
C ILE B 259 -11.67 -26.39 14.12
N GLY B 260 -10.77 -26.68 15.05
CA GLY B 260 -10.76 -27.98 15.69
C GLY B 260 -10.97 -29.03 14.60
N LYS B 261 -12.01 -29.86 14.74
CA LYS B 261 -12.42 -30.79 13.67
C LYS B 261 -13.60 -30.22 12.86
N THR B 262 -14.16 -29.12 13.34
CA THR B 262 -15.50 -28.68 12.98
C THR B 262 -15.55 -27.86 11.71
N THR B 263 -16.59 -28.05 10.90
CA THR B 263 -16.95 -27.14 9.82
C THR B 263 -17.38 -25.76 10.40
N VAL B 264 -17.20 -24.73 9.59
CA VAL B 264 -17.61 -23.35 9.90
C VAL B 264 -18.01 -22.64 8.62
N GLN B 265 -19.20 -22.05 8.59
CA GLN B 265 -19.54 -21.18 7.50
C GLN B 265 -19.11 -19.74 7.87
N VAL B 266 -18.77 -18.98 6.83
CA VAL B 266 -18.15 -17.68 6.98
C VAL B 266 -18.37 -16.85 5.75
N ILE B 267 -18.57 -15.56 6.02
CA ILE B 267 -18.77 -14.52 5.03
C ILE B 267 -17.66 -13.46 5.21
N ALA B 268 -17.35 -12.71 4.15
CA ALA B 268 -16.43 -11.60 4.22
C ALA B 268 -17.09 -10.32 4.75
N MET B 269 -16.52 -9.71 5.80
CA MET B 269 -16.97 -8.39 6.27
C MET B 269 -16.40 -7.26 5.39
N ASP B 270 -15.17 -7.43 4.89
CA ASP B 270 -14.52 -6.45 3.99
C ASP B 270 -13.61 -7.10 2.93
N THR B 271 -12.82 -6.24 2.26
CA THR B 271 -11.94 -6.63 1.17
C THR B 271 -10.45 -6.38 1.50
N LYS B 272 -10.16 -5.28 2.19
CA LYS B 272 -8.76 -4.90 2.52
C LYS B 272 -8.04 -6.04 3.25
N LEU B 273 -6.77 -6.30 2.92
CA LEU B 273 -6.20 -7.61 3.18
C LEU B 273 -6.27 -7.97 4.65
N GLY B 274 -6.33 -9.30 4.87
CA GLY B 274 -6.64 -9.91 6.16
C GLY B 274 -6.46 -11.42 6.17
N PRO B 275 -6.71 -12.05 7.37
CA PRO B 275 -6.08 -13.28 7.84
C PRO B 275 -6.95 -14.54 8.14
N MET B 276 -8.26 -14.46 7.90
CA MET B 276 -9.21 -15.62 7.98
C MET B 276 -10.19 -15.75 9.22
N PRO B 277 -9.74 -16.17 10.43
CA PRO B 277 -8.75 -17.14 10.88
C PRO B 277 -9.45 -18.49 10.98
N CYS B 278 -8.76 -19.58 10.62
CA CYS B 278 -9.36 -20.90 10.42
C CYS B 278 -8.74 -21.56 9.23
N ARG B 279 -8.23 -22.78 9.37
CA ARG B 279 -7.75 -23.54 8.21
C ARG B 279 -8.87 -23.80 7.17
N PRO B 280 -8.46 -24.23 5.96
CA PRO B 280 -9.42 -24.40 4.89
C PRO B 280 -9.85 -25.81 4.69
N TYR B 281 -10.94 -25.92 3.95
CA TYR B 281 -11.63 -27.16 3.68
C TYR B 281 -10.74 -28.14 2.91
N GLU B 282 -10.90 -28.18 1.59
CA GLU B 282 -10.24 -29.17 0.77
C GLU B 282 -9.21 -28.53 -0.18
N ILE B 283 -7.96 -29.01 -0.04
CA ILE B 283 -6.79 -28.53 -0.79
C ILE B 283 -6.60 -29.39 -2.05
N ILE B 284 -6.91 -28.84 -3.22
CA ILE B 284 -6.85 -29.59 -4.49
C ILE B 284 -5.48 -29.47 -5.17
N SER B 285 -4.87 -30.63 -5.45
CA SER B 285 -3.55 -30.69 -6.08
C SER B 285 -3.63 -30.84 -7.57
N SER B 286 -2.62 -30.31 -8.26
CA SER B 286 -2.50 -30.40 -9.70
C SER B 286 -1.12 -29.96 -10.15
N THR B 293 6.82 -34.30 -13.25
CA THR B 293 6.61 -33.14 -12.39
C THR B 293 7.71 -32.08 -12.61
N ALA B 294 7.31 -30.80 -12.58
CA ALA B 294 8.23 -29.69 -12.72
C ALA B 294 7.95 -28.68 -11.60
N CYS B 295 6.94 -27.83 -11.83
CA CYS B 295 6.21 -27.18 -10.73
C CYS B 295 4.90 -27.92 -10.61
N THR B 296 4.50 -28.15 -9.37
CA THR B 296 3.16 -28.58 -9.06
C THR B 296 2.63 -27.56 -8.05
N PHE B 297 1.33 -27.53 -7.88
CA PHE B 297 0.72 -26.52 -7.03
C PHE B 297 -0.53 -27.03 -6.31
N ASN B 298 -0.53 -26.95 -4.97
CA ASN B 298 -1.74 -27.17 -4.18
C ASN B 298 -2.38 -25.81 -3.97
N TYR B 299 -3.70 -25.80 -3.81
CA TYR B 299 -4.45 -24.58 -3.54
C TYR B 299 -5.78 -24.86 -2.89
N THR B 300 -6.44 -23.79 -2.46
CA THR B 300 -7.83 -23.87 -2.04
C THR B 300 -8.55 -22.58 -2.39
N LYS B 301 -9.83 -22.48 -2.07
CA LYS B 301 -10.57 -21.26 -2.31
C LYS B 301 -10.43 -20.36 -1.08
N THR B 302 -10.71 -19.06 -1.23
CA THR B 302 -10.61 -18.09 -0.13
C THR B 302 -11.47 -16.83 -0.39
N LEU B 303 -11.15 -15.81 0.40
CA LEU B 303 -11.89 -14.56 0.46
C LEU B 303 -11.05 -13.42 -0.08
N LYS B 304 -11.68 -12.59 -0.91
CA LYS B 304 -10.97 -11.72 -1.83
C LYS B 304 -9.49 -11.54 -1.50
N ASN B 305 -9.17 -10.73 -0.49
CA ASN B 305 -7.76 -10.51 -0.11
C ASN B 305 -7.44 -11.11 1.23
N LYS B 306 -8.00 -12.28 1.52
CA LYS B 306 -7.81 -12.90 2.80
C LYS B 306 -7.11 -14.23 2.65
N TYR B 307 -6.08 -14.38 3.47
CA TYR B 307 -5.17 -15.50 3.40
C TYR B 307 -5.19 -16.41 4.62
N PHE B 308 -5.25 -17.72 4.40
CA PHE B 308 -5.01 -18.67 5.49
C PHE B 308 -3.50 -18.80 5.68
N GLU B 309 -3.10 -19.23 6.87
CA GLU B 309 -1.73 -19.71 7.08
C GLU B 309 -1.59 -21.01 6.29
N PRO B 310 -0.36 -21.45 5.98
CA PRO B 310 0.90 -20.76 6.08
C PRO B 310 1.31 -20.25 4.69
N ARG B 311 2.35 -19.42 4.65
CA ARG B 311 2.74 -18.74 3.42
C ARG B 311 3.40 -19.76 2.52
N ASP B 312 3.62 -19.42 1.26
CA ASP B 312 4.56 -20.22 0.47
C ASP B 312 5.98 -19.83 0.90
N SER B 313 6.59 -20.77 1.60
CA SER B 313 7.99 -20.79 1.99
C SER B 313 8.92 -20.36 0.87
N TYR B 314 8.67 -20.95 -0.31
CA TYR B 314 9.47 -20.74 -1.51
C TYR B 314 9.50 -19.28 -2.00
N PHE B 315 8.42 -18.53 -1.80
CA PHE B 315 8.35 -17.10 -2.11
C PHE B 315 8.26 -16.27 -0.85
N GLN B 316 8.40 -16.90 0.31
CA GLN B 316 8.23 -16.24 1.59
C GLN B 316 7.00 -15.32 1.64
N GLN B 317 5.92 -15.63 0.93
CA GLN B 317 4.75 -14.73 1.01
C GLN B 317 3.41 -15.40 0.75
N TYR B 318 2.34 -14.65 1.01
CA TYR B 318 0.97 -15.12 0.80
C TYR B 318 0.60 -14.89 -0.66
N MET B 319 -0.23 -15.79 -1.19
CA MET B 319 -0.18 -16.26 -2.59
C MET B 319 -1.53 -16.24 -3.29
N LEU B 320 -1.97 -15.09 -3.78
CA LEU B 320 -3.42 -14.89 -3.92
C LEU B 320 -3.90 -14.30 -5.24
N LYS B 321 -4.44 -15.17 -6.10
CA LYS B 321 -4.95 -14.77 -7.41
C LYS B 321 -6.16 -13.81 -7.36
N GLY B 322 -7.14 -14.11 -6.49
CA GLY B 322 -8.33 -13.29 -6.38
C GLY B 322 -9.48 -14.03 -5.73
N GLU B 323 -9.55 -15.32 -5.99
CA GLU B 323 -10.45 -16.17 -5.26
C GLU B 323 -9.75 -17.33 -4.60
N TYR B 324 -8.47 -17.54 -4.88
CA TYR B 324 -7.81 -18.75 -4.41
C TYR B 324 -6.46 -18.42 -3.83
N GLN B 325 -6.02 -19.22 -2.88
CA GLN B 325 -4.72 -19.06 -2.28
C GLN B 325 -3.91 -20.24 -2.77
N TYR B 326 -2.67 -20.01 -3.23
CA TYR B 326 -1.85 -21.09 -3.81
C TYR B 326 -0.61 -21.43 -2.98
N TRP B 327 -0.13 -22.67 -3.13
CA TRP B 327 1.18 -23.06 -2.59
C TRP B 327 1.94 -23.84 -3.67
N PHE B 328 3.23 -23.54 -3.81
CA PHE B 328 4.05 -23.95 -4.97
C PHE B 328 5.22 -24.89 -4.65
N ASP B 329 5.29 -25.98 -5.40
CA ASP B 329 6.36 -26.95 -5.26
C ASP B 329 7.26 -26.96 -6.51
N LEU B 330 8.47 -26.45 -6.37
CA LEU B 330 9.60 -26.76 -7.25
C LEU B 330 10.53 -27.62 -6.35
N GLU B 331 10.76 -28.86 -6.77
CA GLU B 331 11.25 -29.94 -5.88
C GLU B 331 12.74 -29.87 -5.60
C1 NAG C . 54.82 24.31 -36.02
C2 NAG C . 55.79 23.22 -35.56
C3 NAG C . 56.50 22.70 -36.77
C4 NAG C . 55.44 22.00 -37.66
C5 NAG C . 54.15 22.83 -37.94
C6 NAG C . 52.96 21.87 -38.07
C7 NAG C . 57.29 23.03 -33.62
C8 NAG C . 56.80 21.64 -33.31
N2 NAG C . 56.80 23.72 -34.65
O3 NAG C . 57.61 21.93 -36.34
O4 NAG C . 56.04 21.66 -38.89
O5 NAG C . 53.82 23.83 -36.96
O6 NAG C . 52.71 21.33 -39.34
O7 NAG C . 58.15 23.54 -32.91
C1 NAG C . 56.99 20.56 -38.76
C2 NAG C . 57.10 19.85 -40.11
C3 NAG C . 58.43 19.07 -40.30
C4 NAG C . 59.62 19.44 -39.38
C5 NAG C . 59.19 20.00 -38.01
C6 NAG C . 60.37 20.64 -37.28
C7 NAG C . 54.74 19.24 -40.76
C8 NAG C . 53.75 18.12 -40.87
N2 NAG C . 55.98 18.92 -40.30
O3 NAG C . 58.84 19.17 -41.64
O4 NAG C . 60.51 18.34 -39.23
O5 NAG C . 58.26 21.02 -38.28
O6 NAG C . 60.62 20.08 -36.02
O7 NAG C . 54.39 20.36 -41.09
C1 NAG D . 41.84 23.30 -44.20
C2 NAG D . 42.32 24.12 -45.40
C3 NAG D . 41.22 24.24 -46.47
C4 NAG D . 40.81 22.84 -46.96
C5 NAG D . 40.42 22.03 -45.71
C6 NAG D . 40.05 20.60 -46.05
C7 NAG D . 44.16 25.67 -44.78
C8 NAG D . 45.24 24.68 -45.15
N2 NAG D . 42.86 25.38 -44.93
O3 NAG D . 41.63 25.05 -47.55
O4 NAG D . 39.74 22.88 -47.94
O5 NAG D . 41.44 22.03 -44.71
O6 NAG D . 41.21 19.87 -46.41
O7 NAG D . 44.52 26.76 -44.35
C1 NAG D . 39.98 22.18 -49.21
C2 NAG D . 38.72 22.26 -50.13
C3 NAG D . 38.94 23.12 -51.39
C4 NAG D . 40.22 22.77 -52.16
C5 NAG D . 41.26 22.15 -51.23
C6 NAG D . 42.67 22.41 -51.75
C7 NAG D . 37.00 20.72 -51.04
C8 NAG D . 36.68 19.33 -51.54
N2 NAG D . 38.25 20.96 -50.61
O3 NAG D . 38.98 24.50 -51.06
O4 NAG D . 39.91 21.89 -53.23
O5 NAG D . 41.10 22.67 -49.91
O6 NAG D . 43.45 21.24 -51.61
O7 NAG D . 36.11 21.57 -51.07
C1 NAG E . 28.09 17.59 -40.19
C2 NAG E . 29.17 18.67 -40.16
C3 NAG E . 28.72 19.92 -39.40
C4 NAG E . 27.31 20.29 -39.87
C5 NAG E . 26.41 19.13 -39.44
C6 NAG E . 24.90 19.41 -39.52
C7 NAG E . 31.47 17.72 -40.18
C8 NAG E . 31.57 17.88 -41.66
N2 NAG E . 30.36 18.10 -39.53
O3 NAG E . 29.61 20.99 -39.65
O4 NAG E . 26.86 21.55 -39.40
O5 NAG E . 26.75 18.05 -40.28
O6 NAG E . 24.52 19.69 -40.85
O7 NAG E . 32.42 17.24 -39.56
C1 NAG E . 26.84 22.45 -40.54
C2 NAG E . 25.43 22.99 -40.81
C3 NAG E . 25.08 24.23 -39.97
C4 NAG E . 26.29 24.89 -39.32
C5 NAG E . 27.52 24.78 -40.23
C6 NAG E . 28.72 25.56 -39.66
C7 NAG E . 24.41 22.54 -43.03
C8 NAG E . 24.33 22.97 -44.46
N2 NAG E . 25.22 23.25 -42.23
O3 NAG E . 24.17 23.85 -38.95
O4 NAG E . 26.00 26.23 -39.03
O5 NAG E . 27.88 23.42 -40.45
O6 NAG E . 29.94 24.99 -40.09
O7 NAG E . 23.74 21.58 -42.65
C1 NAG F . 7.01 -18.32 -22.16
C2 NAG F . 6.05 -17.16 -22.44
C3 NAG F . 4.96 -17.70 -23.39
C4 NAG F . 5.70 -18.02 -24.69
C5 NAG F . 6.71 -19.14 -24.35
C6 NAG F . 7.48 -19.64 -25.58
C7 NAG F . 5.94 -15.45 -20.64
C8 NAG F . 6.87 -14.51 -21.39
N2 NAG F . 5.58 -16.63 -21.17
O3 NAG F . 3.88 -16.80 -23.56
O4 NAG F . 4.87 -18.39 -25.79
O5 NAG F . 7.64 -18.71 -23.37
O6 NAG F . 7.69 -21.03 -25.43
O7 NAG F . 5.52 -15.11 -19.54
C1 NAG F . 4.11 -17.31 -26.36
C2 NAG F . 4.45 -17.12 -27.86
C3 NAG F . 3.27 -17.21 -28.85
C4 NAG F . 2.02 -17.86 -28.27
C5 NAG F . 1.74 -17.23 -26.92
C6 NAG F . 0.39 -17.69 -26.37
C7 NAG F . 6.42 -15.65 -28.36
C8 NAG F . 6.90 -14.25 -28.58
N2 NAG F . 5.12 -15.82 -28.09
O3 NAG F . 3.66 -17.90 -30.03
O4 NAG F . 0.93 -17.65 -29.13
O5 NAG F . 2.76 -17.60 -26.03
O6 NAG F . 0.33 -17.35 -25.01
O7 NAG F . 7.22 -16.59 -28.43
C1 NAG G . -51.82 -15.81 38.75
C2 NAG G . -51.09 -15.15 37.58
C3 NAG G . -52.18 -14.37 36.84
C4 NAG G . -52.84 -15.47 36.03
C5 NAG G . -53.50 -16.49 36.97
C6 NAG G . -53.67 -17.87 36.31
C7 NAG G . -48.86 -14.28 36.98
C8 NAG G . -48.81 -15.15 35.74
N2 NAG G . -49.92 -14.31 37.82
O3 NAG G . -51.72 -13.26 36.09
O4 NAG G . -53.69 -14.93 35.03
O5 NAG G . -52.88 -16.65 38.27
O6 NAG G . -52.47 -18.60 36.17
O7 NAG G . -47.89 -13.57 37.19
C1 NAG G . -52.88 -14.57 33.88
C2 NAG G . -53.29 -15.48 32.70
C3 NAG G . -54.40 -14.84 31.85
C4 NAG G . -54.20 -13.34 31.63
C5 NAG G . -52.88 -12.87 32.24
C6 NAG G . -52.60 -11.37 32.04
C7 NAG G . -51.16 -16.69 32.24
C8 NAG G . -50.04 -16.96 31.27
N2 NAG G . -52.13 -15.84 31.86
O3 NAG G . -55.64 -15.08 32.50
O4 NAG G . -54.25 -13.05 30.26
O5 NAG G . -52.95 -13.18 33.61
O6 NAG G . -51.31 -11.22 31.45
O7 NAG G . -51.16 -17.26 33.33
C1 NAG H . -39.40 -31.60 41.90
C2 NAG H . -39.74 -31.76 43.38
C3 NAG H . -38.59 -32.53 44.09
C4 NAG H . -38.69 -34.01 43.67
C5 NAG H . -38.65 -34.00 42.12
C6 NAG H . -38.88 -35.44 41.62
C7 NAG H . -41.47 -30.03 43.90
C8 NAG H . -42.48 -30.64 42.98
N2 NAG H . -40.22 -30.56 44.05
O3 NAG H . -38.67 -32.35 45.48
O4 NAG H . -37.73 -34.98 44.15
O5 NAG H . -39.46 -32.98 41.45
O6 NAG H . -39.92 -35.59 40.69
O7 NAG H . -41.83 -29.02 44.48
C1 NAG H . -37.40 -35.21 45.58
C2 NAG H . -36.74 -36.57 45.88
C3 NAG H . -35.46 -36.71 45.04
C4 NAG H . -34.56 -35.48 45.15
C5 NAG H . -35.10 -34.42 46.12
C6 NAG H . -34.39 -33.07 45.92
C7 NAG H . -36.94 -37.66 48.14
C8 NAG H . -36.36 -37.83 49.52
N2 NAG H . -36.32 -36.85 47.27
O3 NAG H . -35.82 -36.99 43.71
O4 NAG H . -33.28 -35.88 45.60
O5 NAG H . -36.51 -34.19 46.02
O6 NAG H . -34.31 -32.41 47.16
O7 NAG H . -37.97 -38.25 47.85
C1 NAG I . -23.64 -28.93 37.96
C2 NAG I . -24.86 -28.43 38.76
C3 NAG I . -24.63 -27.05 39.39
C4 NAG I . -23.25 -27.05 40.05
C5 NAG I . -22.24 -27.23 38.92
C6 NAG I . -20.79 -26.95 39.32
C7 NAG I . -27.01 -29.26 37.81
C8 NAG I . -27.04 -30.41 38.78
N2 NAG I . -26.00 -28.39 37.85
O3 NAG I . -25.65 -26.77 40.32
O4 NAG I . -23.01 -25.92 40.86
O5 NAG I . -22.38 -28.58 38.50
O6 NAG I . -20.36 -27.83 40.33
O7 NAG I . -27.92 -29.16 37.00
C1 NAG I . -23.04 -26.34 42.24
C2 NAG I . -21.70 -26.06 42.94
C3 NAG I . -21.57 -24.64 43.50
C4 NAG I . -22.91 -23.91 43.57
C5 NAG I . -24.05 -24.87 43.92
C6 NAG I . -25.36 -24.11 44.15
C7 NAG I . -20.49 -28.01 43.91
C8 NAG I . -20.39 -28.93 45.09
N2 NAG I . -21.44 -27.07 43.98
O3 NAG I . -20.68 -23.91 42.68
O4 NAG I . -22.81 -22.87 44.53
O5 NAG I . -24.20 -25.85 42.90
O6 NAG I . -26.48 -24.95 43.83
O7 NAG I . -19.72 -28.16 42.96
C1 NAG J . 0.82 -30.62 -1.47
C2 NAG J . 1.87 -30.25 -0.41
C3 NAG J . 2.94 -31.34 -0.41
C4 NAG J . 2.28 -32.64 0.05
C5 NAG J . 1.02 -32.95 -0.77
C6 NAG J . 0.20 -34.06 -0.10
C7 NAG J . 2.01 -27.79 0.10
C8 NAG J . 1.00 -27.80 1.21
N2 NAG J . 2.38 -28.89 -0.59
O3 NAG J . 4.02 -31.01 0.43
O4 NAG J . 3.16 -33.75 0.01
O5 NAG J . 0.19 -31.81 -0.99
O6 NAG J . -0.17 -35.03 -1.06
O7 NAG J . 2.53 -26.71 -0.17
C1 NAG J . 3.55 -34.24 1.32
C2 NAG J . 3.82 -35.77 1.26
C3 NAG J . 5.25 -36.18 0.85
C4 NAG J . 6.19 -35.00 0.76
C5 NAG J . 5.91 -34.07 1.95
C6 NAG J . 6.97 -32.97 2.12
C7 NAG J . 2.30 -36.93 2.82
C8 NAG J . 2.14 -37.52 4.19
N2 NAG J . 3.49 -36.39 2.54
O3 NAG J . 5.26 -36.89 -0.37
O4 NAG J . 7.51 -35.49 0.80
O5 NAG J . 4.64 -33.47 1.82
O6 NAG J . 6.51 -31.76 1.59
O7 NAG J . 1.37 -36.94 2.02
#